data_4BWK
#
_entry.id   4BWK
#
_cell.length_a   89.521
_cell.length_b   89.521
_cell.length_c   228.789
_cell.angle_alpha   90.00
_cell.angle_beta   90.00
_cell.angle_gamma   120.00
#
_symmetry.space_group_name_H-M   'P 65'
#
loop_
_entity.id
_entity.type
_entity.pdbx_description
1 polymer 'PAB-DEPENDENT POLY(A)-SPECIFIC RIBONUCLEASE SUBUNIT PAN-3'
2 non-polymer 'PHOSPHOTHIOPHOSPHORIC ACID-ADENYLATE ESTER'
#
_entity_poly.entity_id   1
_entity_poly.type   'polypeptide(L)'
_entity_poly.pdbx_seq_one_letter_code
;GPHMLEIPKDRRENLQKKLFHMQQLLPNSGLPNLDRWHSLFPLDTKATRNSTCFGYPSWMYKAQNNKNGRHFALRRIEGY
RLTNEKAILNVTKEWKKIINANIVTVHEAFTTEFFGDSSLIFVYDFHPLSETLYDHHFPPNNSHNRLRNTNKIPENLLWS
YVCQIANALLAIHNAKLAARCLELSKIIWENNRIRLAACSILDVLHHDSPNRKTIEELQQEDFVKFGRIILALATNTPTL
NFNNIDAALATIVPRYSTQLRGVLEWLIKPSAPGETKTVETLLGGITTHLANFANFVMQESDEKEFHLMRELENGRIARL
MFKLSVVNERGDSCGVHNWSETGERLLLKLFRDYVFHQVDADGKARLDTNHYLNCLSKLDASSEEQILLTSRDNATVFVV
SYRSIRQMLDRAYGELGKESKPSATGATI
;
_entity_poly.pdbx_strand_id   A,B
#
loop_
_chem_comp.id
_chem_comp.type
_chem_comp.name
_chem_comp.formula
AGS non-polymer 'PHOSPHOTHIOPHOSPHORIC ACID-ADENYLATE ESTER' 'C10 H16 N5 O12 P3 S'
#
# COMPACT_ATOMS: atom_id res chain seq x y z
N PRO A 8 0.82 12.34 -6.41
CA PRO A 8 0.22 12.98 -7.59
C PRO A 8 -1.03 13.75 -7.24
N LYS A 9 -1.51 14.58 -8.17
CA LYS A 9 -2.62 15.49 -7.93
C LYS A 9 -3.81 14.67 -7.45
N ASP A 10 -4.10 13.58 -8.17
CA ASP A 10 -5.26 12.75 -7.87
C ASP A 10 -5.05 12.03 -6.57
N ARG A 11 -3.84 11.58 -6.32
CA ARG A 11 -3.55 10.84 -5.09
C ARG A 11 -3.62 11.78 -3.89
N ARG A 12 -3.13 13.00 -4.08
CA ARG A 12 -3.12 14.01 -3.03
C ARG A 12 -4.52 14.44 -2.70
N GLU A 13 -5.33 14.61 -3.75
CA GLU A 13 -6.72 15.01 -3.61
C GLU A 13 -7.75 14.02 -3.16
N ASN A 14 -7.49 12.75 -3.39
CA ASN A 14 -8.38 11.71 -2.96
C ASN A 14 -8.31 11.38 -1.47
N LEU A 15 -7.07 11.31 -0.97
CA LEU A 15 -6.79 11.05 0.43
C LEU A 15 -7.14 12.17 1.40
N GLN A 16 -7.09 13.40 0.93
CA GLN A 16 -7.49 14.54 1.76
C GLN A 16 -8.98 14.61 1.82
N LYS A 17 -9.60 14.17 0.73
CA LYS A 17 -11.04 14.13 0.69
C LYS A 17 -11.50 13.01 1.66
N LYS A 18 -10.74 11.97 1.91
CA LYS A 18 -11.13 10.99 2.90
C LYS A 18 -11.04 11.56 4.29
N LEU A 19 -9.92 12.14 4.64
CA LEU A 19 -9.77 12.71 6.01
C LEU A 19 -10.75 13.81 6.37
N PHE A 20 -11.12 14.61 5.38
CA PHE A 20 -12.08 15.71 5.59
C PHE A 20 -13.49 15.17 5.81
N HIS A 21 -13.78 14.01 5.24
CA HIS A 21 -15.09 13.40 5.36
C HIS A 21 -15.26 12.70 6.71
N MET A 22 -14.18 12.21 7.28
CA MET A 22 -14.29 11.56 8.58
C MET A 22 -14.64 12.60 9.66
N GLN A 23 -13.99 13.77 9.56
CA GLN A 23 -14.16 14.89 10.48
C GLN A 23 -15.37 15.82 10.19
N GLN A 24 -15.85 15.74 8.94
CA GLN A 24 -16.90 16.57 8.31
C GLN A 24 -18.17 16.79 9.15
N LEU A 25 -18.67 18.03 9.25
CA LEU A 25 -19.88 18.37 10.02
C LEU A 25 -21.08 19.07 9.34
N LEU A 26 -22.20 19.08 10.08
CA LEU A 26 -23.46 19.78 9.76
C LEU A 26 -24.21 20.27 11.01
N PRO A 27 -23.93 21.49 11.48
CA PRO A 27 -24.37 22.00 12.79
C PRO A 27 -25.89 22.08 12.98
N ASN A 28 -26.58 22.45 11.92
CA ASN A 28 -28.00 22.72 12.00
C ASN A 28 -28.83 21.46 11.91
N SER A 29 -28.15 20.32 11.88
CA SER A 29 -28.92 19.11 11.63
C SER A 29 -29.96 18.70 12.70
N GLY A 30 -29.69 19.01 13.95
CA GLY A 30 -30.62 18.69 15.01
C GLY A 30 -30.59 17.19 15.23
N LEU A 31 -29.45 16.53 15.19
CA LEU A 31 -29.55 15.10 15.42
C LEU A 31 -29.10 14.75 16.82
N PRO A 32 -29.84 13.82 17.44
CA PRO A 32 -29.71 13.37 18.82
C PRO A 32 -28.57 12.38 19.05
N ASN A 33 -27.76 12.70 20.05
CA ASN A 33 -26.74 11.81 20.55
C ASN A 33 -27.34 10.59 21.32
N LEU A 34 -26.81 9.41 21.01
CA LEU A 34 -27.15 8.10 21.60
C LEU A 34 -26.33 7.84 22.86
N ASP A 35 -26.58 6.70 23.52
CA ASP A 35 -25.89 6.39 24.79
C ASP A 35 -24.35 6.36 24.62
N ARG A 36 -23.83 5.89 23.48
CA ARG A 36 -22.37 5.80 23.26
C ARG A 36 -21.89 6.57 22.01
N TRP A 37 -22.75 7.39 21.40
CA TRP A 37 -22.41 8.07 20.14
C TRP A 37 -22.84 9.53 20.06
N HIS A 38 -22.01 10.31 19.36
CA HIS A 38 -22.26 11.73 19.15
C HIS A 38 -21.83 12.27 17.79
N SER A 39 -22.15 13.55 17.55
CA SER A 39 -21.80 14.24 16.29
C SER A 39 -22.28 13.49 15.05
N LEU A 40 -23.55 13.06 15.06
CA LEU A 40 -24.10 12.34 13.92
C LEU A 40 -24.12 13.19 12.65
N PHE A 41 -23.59 12.64 11.55
CA PHE A 41 -23.57 13.36 10.28
C PHE A 41 -24.29 12.49 9.23
N PRO A 42 -25.29 13.05 8.53
CA PRO A 42 -26.07 12.28 7.53
C PRO A 42 -25.31 11.88 6.26
N LEU A 43 -25.47 10.63 5.82
CA LEU A 43 -24.76 10.13 4.64
C LEU A 43 -25.66 9.90 3.42
N ASP A 44 -26.97 9.85 3.62
CA ASP A 44 -27.93 9.61 2.52
C ASP A 44 -27.76 10.76 1.54
N THR A 45 -27.56 10.42 0.27
CA THR A 45 -27.30 11.44 -0.74
C THR A 45 -28.55 11.82 -1.52
N LYS A 46 -29.64 11.12 -1.25
CA LYS A 46 -30.88 11.35 -1.96
C LYS A 46 -31.95 11.76 -0.94
N ALA A 47 -32.97 12.45 -1.41
CA ALA A 47 -34.01 13.02 -0.54
C ALA A 47 -35.23 12.08 -0.41
N THR A 48 -35.11 10.86 -0.95
CA THR A 48 -36.20 9.88 -0.98
C THR A 48 -35.81 8.51 -0.41
N ARG A 49 -36.77 7.87 0.29
CA ARG A 49 -36.65 6.54 0.91
C ARG A 49 -37.76 5.55 0.63
N ASN A 50 -37.41 4.37 0.13
CA ASN A 50 -38.42 3.36 -0.06
C ASN A 50 -38.07 2.19 0.86
N SER A 51 -39.05 1.33 1.13
CA SER A 51 -38.83 0.25 2.07
C SER A 51 -38.64 -1.07 1.33
N THR A 52 -38.11 -0.99 0.12
CA THR A 52 -37.90 -2.18 -0.69
C THR A 52 -36.76 -3.05 -0.17
N CYS A 53 -35.68 -2.40 0.23
CA CYS A 53 -34.48 -3.10 0.66
C CYS A 53 -34.66 -3.83 2.00
N PHE A 54 -35.27 -3.14 2.97
CA PHE A 54 -35.35 -3.72 4.31
C PHE A 54 -36.75 -3.98 4.86
N GLY A 55 -37.75 -3.38 4.24
CA GLY A 55 -39.13 -3.44 4.73
C GLY A 55 -39.52 -2.29 5.62
N TYR A 56 -38.52 -1.47 5.97
CA TYR A 56 -38.75 -0.27 6.75
C TYR A 56 -37.92 0.85 6.13
N PRO A 57 -38.31 2.11 6.38
CA PRO A 57 -37.41 3.17 5.92
C PRO A 57 -36.04 3.04 6.57
N SER A 58 -35.00 3.44 5.84
CA SER A 58 -33.62 3.32 6.30
C SER A 58 -32.93 4.68 6.27
N TRP A 59 -32.05 4.91 7.24
CA TRP A 59 -31.26 6.13 7.32
C TRP A 59 -29.79 5.79 7.57
N MET A 60 -28.88 6.60 6.99
CA MET A 60 -27.45 6.37 7.17
C MET A 60 -26.75 7.53 7.84
N TYR A 61 -25.87 7.20 8.79
CA TYR A 61 -25.17 8.19 9.57
C TYR A 61 -23.71 7.83 9.83
N LYS A 62 -22.90 8.86 9.99
CA LYS A 62 -21.55 8.74 10.50
C LYS A 62 -21.56 9.28 11.92
N ALA A 63 -21.03 8.53 12.88
CA ALA A 63 -21.07 9.06 14.24
C ALA A 63 -19.76 8.75 14.95
N GLN A 64 -19.42 9.61 15.91
CA GLN A 64 -18.18 9.46 16.65
C GLN A 64 -18.52 8.73 17.96
N ASN A 65 -17.67 7.76 18.30
CA ASN A 65 -17.83 6.97 19.51
C ASN A 65 -17.37 7.71 20.77
N ASN A 66 -18.20 7.68 21.81
CA ASN A 66 -17.87 8.39 23.05
C ASN A 66 -16.66 7.79 23.75
N LYS A 67 -16.42 6.49 23.56
CA LYS A 67 -15.36 5.84 24.31
C LYS A 67 -14.01 5.96 23.63
N ASN A 68 -13.96 5.68 22.33
CA ASN A 68 -12.69 5.70 21.61
C ASN A 68 -12.50 6.88 20.66
N GLY A 69 -13.55 7.66 20.43
CA GLY A 69 -13.39 8.86 19.64
C GLY A 69 -13.29 8.56 18.15
N ARG A 70 -13.37 7.28 17.76
CA ARG A 70 -13.28 6.90 16.34
C ARG A 70 -14.62 7.01 15.63
N HIS A 71 -14.58 7.12 14.30
CA HIS A 71 -15.81 7.32 13.55
C HIS A 71 -16.40 5.98 13.07
N PHE A 72 -17.71 5.82 13.16
CA PHE A 72 -18.34 4.60 12.64
C PHE A 72 -19.54 4.98 11.80
N ALA A 73 -20.05 4.05 11.01
CA ALA A 73 -21.28 4.31 10.27
C ALA A 73 -22.44 3.61 10.95
N LEU A 74 -23.55 4.32 11.10
CA LEU A 74 -24.76 3.77 11.70
C LEU A 74 -25.88 3.77 10.69
N ARG A 75 -26.44 2.59 10.45
CA ARG A 75 -27.61 2.42 9.59
C ARG A 75 -28.83 2.34 10.49
N ARG A 76 -29.74 3.29 10.32
CA ARG A 76 -30.94 3.36 11.13
C ARG A 76 -32.11 2.78 10.38
N ILE A 77 -32.78 1.86 11.07
CA ILE A 77 -34.00 1.28 10.56
C ILE A 77 -35.16 1.87 11.32
N GLU A 78 -35.89 2.72 10.64
CA GLU A 78 -36.94 3.49 11.25
C GLU A 78 -38.13 2.57 11.51
N GLY A 79 -38.72 2.67 12.68
CA GLY A 79 -39.95 1.94 12.98
C GLY A 79 -39.89 0.44 13.27
N TYR A 80 -38.84 -0.03 13.93
CA TYR A 80 -38.74 -1.45 14.28
C TYR A 80 -38.81 -1.61 15.79
N ARG A 81 -39.79 -2.38 16.23
CA ARG A 81 -40.00 -2.64 17.64
C ARG A 81 -39.41 -3.98 18.08
N LEU A 82 -38.61 -3.97 19.15
CA LEU A 82 -37.98 -5.21 19.63
C LEU A 82 -38.97 -6.13 20.35
N THR A 83 -39.10 -7.35 19.84
CA THR A 83 -40.01 -8.30 20.45
C THR A 83 -39.21 -9.48 21.00
N ASN A 84 -37.89 -9.45 20.81
CA ASN A 84 -37.01 -10.52 21.27
C ASN A 84 -35.52 -10.24 21.24
N GLU A 85 -34.86 -10.27 22.40
CA GLU A 85 -33.41 -10.11 22.41
C GLU A 85 -32.67 -11.23 21.71
N LYS A 86 -33.28 -12.41 21.56
CA LYS A 86 -32.46 -13.46 21.00
C LYS A 86 -32.22 -13.13 19.53
N ALA A 87 -33.02 -12.19 19.02
CA ALA A 87 -32.85 -11.84 17.62
C ALA A 87 -31.55 -11.09 17.42
N ILE A 88 -31.18 -10.25 18.39
CA ILE A 88 -29.94 -9.50 18.22
C ILE A 88 -28.65 -10.18 18.68
N LEU A 89 -28.77 -11.09 19.64
CA LEU A 89 -27.60 -11.81 20.12
C LEU A 89 -27.20 -12.97 19.23
N ASN A 90 -28.22 -13.69 18.77
CA ASN A 90 -27.99 -14.85 17.94
C ASN A 90 -27.38 -14.54 16.60
N VAL A 91 -27.62 -13.31 16.14
CA VAL A 91 -27.12 -12.91 14.85
C VAL A 91 -25.77 -12.22 14.94
N THR A 92 -25.64 -11.26 15.84
CA THR A 92 -24.42 -10.51 15.86
C THR A 92 -23.29 -11.36 16.43
N LYS A 93 -23.58 -12.38 17.22
CA LYS A 93 -22.45 -13.18 17.67
C LYS A 93 -21.80 -13.97 16.55
N GLU A 94 -22.55 -14.30 15.50
CA GLU A 94 -21.88 -15.02 14.43
C GLU A 94 -21.18 -14.10 13.43
N TRP A 95 -21.84 -12.99 13.11
CA TRP A 95 -21.34 -11.97 12.19
C TRP A 95 -20.21 -11.13 12.74
N LYS A 96 -20.19 -10.91 14.05
CA LYS A 96 -19.15 -10.12 14.66
C LYS A 96 -17.82 -10.81 14.48
N LYS A 97 -17.88 -12.12 14.41
CA LYS A 97 -16.67 -12.90 14.26
C LYS A 97 -16.04 -12.75 12.86
N ILE A 98 -16.86 -12.46 11.85
CA ILE A 98 -16.33 -12.34 10.50
C ILE A 98 -15.62 -11.01 10.13
N ILE A 99 -14.33 -11.10 9.86
CA ILE A 99 -13.47 -10.00 9.43
C ILE A 99 -13.09 -10.26 7.97
N ASN A 100 -13.59 -9.49 7.02
CA ASN A 100 -13.32 -9.77 5.62
C ASN A 100 -13.23 -8.42 4.91
N ALA A 101 -12.33 -8.31 3.93
CA ALA A 101 -12.09 -7.03 3.26
C ALA A 101 -13.21 -6.62 2.31
N ASN A 102 -14.06 -7.56 1.93
CA ASN A 102 -15.15 -7.22 1.03
C ASN A 102 -16.47 -7.25 1.80
N ILE A 103 -16.35 -7.15 3.13
CA ILE A 103 -17.49 -7.06 4.02
C ILE A 103 -17.30 -5.91 5.01
N VAL A 104 -18.27 -5.00 5.07
CA VAL A 104 -18.20 -3.93 6.04
C VAL A 104 -18.43 -4.63 7.37
N THR A 105 -17.41 -4.62 8.21
CA THR A 105 -17.48 -5.32 9.49
C THR A 105 -18.58 -4.73 10.36
N VAL A 106 -19.44 -5.61 10.88
CA VAL A 106 -20.46 -5.19 11.84
C VAL A 106 -20.09 -5.51 13.28
N HIS A 107 -20.40 -4.57 14.17
CA HIS A 107 -19.98 -4.68 15.56
C HIS A 107 -21.06 -5.07 16.56
N GLU A 108 -22.19 -4.37 16.47
CA GLU A 108 -23.32 -4.61 17.37
C GLU A 108 -24.67 -4.13 16.82
N ALA A 109 -25.77 -4.49 17.50
CA ALA A 109 -27.09 -4.01 17.13
C ALA A 109 -27.85 -3.69 18.42
N PHE A 110 -28.54 -2.55 18.41
CA PHE A 110 -29.32 -2.11 19.58
C PHE A 110 -30.50 -1.23 19.18
N THR A 111 -31.56 -1.21 19.99
CA THR A 111 -32.67 -0.31 19.73
C THR A 111 -32.50 0.97 20.54
N THR A 112 -33.11 2.06 20.08
CA THR A 112 -32.96 3.35 20.73
C THR A 112 -34.25 4.13 20.46
N GLU A 113 -34.53 5.11 21.29
CA GLU A 113 -35.73 5.93 21.17
C GLU A 113 -35.47 7.42 20.96
N PHE A 114 -34.20 7.77 20.78
CA PHE A 114 -33.79 9.15 20.66
C PHE A 114 -34.27 9.84 19.38
N PHE A 115 -34.72 9.07 18.40
CA PHE A 115 -35.24 9.67 17.15
C PHE A 115 -36.71 10.04 17.29
N GLY A 116 -37.23 9.97 18.50
CA GLY A 116 -38.61 10.33 18.74
C GLY A 116 -39.50 9.19 18.29
N ASP A 117 -38.92 8.01 18.15
CA ASP A 117 -39.66 6.81 17.74
C ASP A 117 -38.90 5.55 18.16
N SER A 118 -39.30 4.42 17.60
CA SER A 118 -38.60 3.15 17.79
C SER A 118 -37.65 2.78 16.66
N SER A 119 -36.35 2.89 16.90
CA SER A 119 -35.37 2.58 15.86
C SER A 119 -34.38 1.49 16.27
N LEU A 120 -34.02 0.64 15.29
CA LEU A 120 -32.99 -0.38 15.47
C LEU A 120 -31.70 0.10 14.81
N ILE A 121 -30.60 -0.01 15.53
CA ILE A 121 -29.35 0.54 15.02
C ILE A 121 -28.24 -0.49 14.83
N PHE A 122 -27.70 -0.55 13.63
CA PHE A 122 -26.51 -1.36 13.34
C PHE A 122 -25.31 -0.44 13.19
N VAL A 123 -24.19 -0.85 13.78
CA VAL A 123 -22.95 -0.11 13.65
C VAL A 123 -21.96 -0.83 12.75
N TYR A 124 -21.41 -0.09 11.79
CA TYR A 124 -20.50 -0.73 10.86
C TYR A 124 -19.19 0.04 10.91
N ASP A 125 -18.13 -0.54 10.35
CA ASP A 125 -16.92 0.23 10.10
C ASP A 125 -17.26 1.36 9.15
N PHE A 126 -16.68 2.54 9.38
CA PHE A 126 -16.87 3.65 8.45
C PHE A 126 -15.81 3.75 7.36
N HIS A 127 -16.26 3.59 6.12
CA HIS A 127 -15.42 3.73 4.95
C HIS A 127 -15.70 5.02 4.14
N PRO A 128 -14.83 6.03 4.29
CA PRO A 128 -14.96 7.37 3.69
C PRO A 128 -15.02 7.36 2.16
N LEU A 129 -15.84 8.26 1.62
CA LEU A 129 -15.96 8.51 0.19
C LEU A 129 -16.60 7.35 -0.55
N SER A 130 -17.30 6.50 0.20
CA SER A 130 -18.00 5.34 -0.36
C SER A 130 -19.26 5.78 -1.07
N GLU A 131 -19.55 5.16 -2.21
CA GLU A 131 -20.82 5.40 -2.88
C GLU A 131 -21.41 4.06 -3.27
N THR A 132 -22.74 3.95 -3.27
CA THR A 132 -23.40 2.69 -3.60
C THR A 132 -23.07 2.26 -5.03
N LEU A 133 -22.89 0.96 -5.24
CA LEU A 133 -22.53 0.42 -6.55
C LEU A 133 -23.55 0.88 -7.59
N TYR A 134 -24.80 1.04 -7.17
CA TYR A 134 -25.86 1.58 -8.04
C TYR A 134 -25.64 3.02 -8.48
N ASP A 135 -25.53 3.92 -7.50
CA ASP A 135 -25.41 5.34 -7.79
C ASP A 135 -24.17 5.62 -8.63
N HIS A 136 -23.17 4.77 -8.48
CA HIS A 136 -21.90 4.92 -9.16
C HIS A 136 -21.95 4.58 -10.65
N HIS A 137 -22.68 3.53 -10.98
CA HIS A 137 -22.80 3.10 -12.36
C HIS A 137 -24.10 3.55 -13.02
N PHE A 138 -25.02 4.09 -12.23
CA PHE A 138 -26.26 4.62 -12.73
C PHE A 138 -26.59 5.94 -12.01
N PRO A 139 -25.84 7.01 -12.34
CA PRO A 139 -26.07 8.36 -11.80
C PRO A 139 -27.37 9.09 -12.23
N PRO A 140 -27.89 9.96 -11.35
CA PRO A 140 -29.11 10.77 -11.52
C PRO A 140 -29.04 11.73 -12.72
N ASN A 151 -19.03 3.00 -25.54
CA ASN A 151 -19.36 3.10 -24.12
C ASN A 151 -19.74 1.73 -23.57
N LYS A 152 -18.93 1.23 -22.63
CA LYS A 152 -19.05 -0.10 -22.00
C LYS A 152 -18.35 -0.20 -20.66
N ILE A 153 -18.82 -1.03 -19.73
CA ILE A 153 -18.09 -1.03 -18.46
C ILE A 153 -17.02 -2.04 -18.83
N PRO A 154 -15.75 -1.72 -18.55
CA PRO A 154 -14.69 -2.67 -18.87
C PRO A 154 -14.82 -4.05 -18.24
N GLU A 155 -14.39 -5.07 -18.97
CA GLU A 155 -14.54 -6.44 -18.50
C GLU A 155 -13.62 -6.74 -17.31
N ASN A 156 -12.48 -6.05 -17.29
CA ASN A 156 -11.51 -6.20 -16.23
C ASN A 156 -12.09 -5.85 -14.86
N LEU A 157 -12.88 -4.77 -14.85
CA LEU A 157 -13.51 -4.26 -13.65
C LEU A 157 -14.64 -5.17 -13.17
N LEU A 158 -15.34 -5.77 -14.13
CA LEU A 158 -16.43 -6.69 -13.83
C LEU A 158 -15.92 -7.96 -13.17
N TRP A 159 -14.78 -8.45 -13.62
CA TRP A 159 -14.18 -9.63 -13.00
C TRP A 159 -13.66 -9.29 -11.60
N SER A 160 -13.24 -8.05 -11.41
CA SER A 160 -12.80 -7.59 -10.11
C SER A 160 -13.97 -7.64 -9.11
N TYR A 161 -15.15 -7.29 -9.60
CA TYR A 161 -16.35 -7.33 -8.76
C TYR A 161 -16.74 -8.76 -8.47
N VAL A 162 -16.64 -9.61 -9.48
CA VAL A 162 -16.98 -11.01 -9.32
C VAL A 162 -16.06 -11.66 -8.30
N CYS A 163 -14.77 -11.36 -8.38
CA CYS A 163 -13.78 -11.93 -7.47
C CYS A 163 -14.03 -11.48 -6.03
N GLN A 164 -14.35 -10.20 -5.87
CA GLN A 164 -14.55 -9.61 -4.55
C GLN A 164 -15.81 -10.16 -3.90
N ILE A 165 -16.87 -10.28 -4.67
CA ILE A 165 -18.12 -10.79 -4.16
C ILE A 165 -17.95 -12.27 -3.83
N ALA A 166 -17.23 -12.99 -4.69
CA ALA A 166 -16.96 -14.40 -4.45
C ALA A 166 -16.17 -14.56 -3.15
N ASN A 167 -15.21 -13.67 -2.93
CA ASN A 167 -14.39 -13.67 -1.72
C ASN A 167 -15.26 -13.51 -0.46
N ALA A 168 -16.26 -12.64 -0.56
CA ALA A 168 -17.17 -12.38 0.54
C ALA A 168 -18.03 -13.59 0.82
N LEU A 169 -18.63 -14.13 -0.24
CA LEU A 169 -19.50 -15.28 -0.12
C LEU A 169 -18.77 -16.49 0.44
N LEU A 170 -17.48 -16.63 0.10
CA LEU A 170 -16.69 -17.75 0.60
C LEU A 170 -16.61 -17.70 2.12
N ALA A 171 -16.30 -16.53 2.65
CA ALA A 171 -16.18 -16.35 4.09
C ALA A 171 -17.53 -16.48 4.77
N ILE A 172 -18.56 -15.90 4.16
CA ILE A 172 -19.91 -15.94 4.73
C ILE A 172 -20.44 -17.38 4.81
N HIS A 173 -20.32 -18.10 3.70
CA HIS A 173 -20.81 -19.46 3.55
C HIS A 173 -20.05 -20.43 4.48
N ASN A 174 -18.76 -20.25 4.65
CA ASN A 174 -18.03 -21.13 5.56
C ASN A 174 -18.38 -20.87 7.02
N ALA A 175 -19.14 -19.80 7.27
CA ALA A 175 -19.62 -19.50 8.61
C ALA A 175 -21.05 -19.99 8.83
N LYS A 176 -21.53 -20.89 7.97
CA LYS A 176 -22.89 -21.41 8.05
C LYS A 176 -23.90 -20.26 8.03
N LEU A 177 -23.63 -19.29 7.17
CA LEU A 177 -24.49 -18.12 7.02
C LEU A 177 -24.74 -17.80 5.56
N ALA A 178 -25.47 -16.72 5.35
CA ALA A 178 -25.82 -16.25 4.01
C ALA A 178 -25.77 -14.73 3.99
N ALA A 179 -25.59 -14.19 2.78
CA ALA A 179 -25.49 -12.75 2.58
C ALA A 179 -26.80 -12.09 2.93
N ARG A 180 -27.90 -12.71 2.51
CA ARG A 180 -29.24 -12.18 2.75
C ARG A 180 -29.52 -10.93 1.93
N CYS A 181 -28.76 -9.88 2.22
CA CYS A 181 -28.89 -8.62 1.50
C CYS A 181 -27.82 -8.48 0.44
N LEU A 182 -28.20 -8.64 -0.82
CA LEU A 182 -27.25 -8.57 -1.91
C LEU A 182 -27.77 -7.73 -3.08
N GLU A 183 -27.63 -6.41 -2.99
CA GLU A 183 -28.13 -5.54 -4.05
C GLU A 183 -27.17 -4.38 -4.34
N LEU A 184 -27.38 -3.75 -5.49
CA LEU A 184 -26.49 -2.67 -5.94
C LEU A 184 -26.48 -1.52 -4.94
N SER A 185 -27.65 -1.23 -4.37
CA SER A 185 -27.76 -0.10 -3.45
C SER A 185 -27.17 -0.45 -2.10
N LYS A 186 -26.97 -1.74 -1.84
CA LYS A 186 -26.41 -2.14 -0.56
C LYS A 186 -24.97 -2.66 -0.69
N ILE A 187 -24.30 -2.28 -1.78
CA ILE A 187 -22.87 -2.53 -1.93
C ILE A 187 -22.19 -1.20 -2.16
N ILE A 188 -21.21 -0.88 -1.34
CA ILE A 188 -20.55 0.40 -1.52
C ILE A 188 -19.26 0.29 -2.35
N TRP A 189 -19.10 1.25 -3.24
CA TRP A 189 -17.97 1.31 -4.16
C TRP A 189 -17.10 2.48 -3.76
N GLU A 190 -15.80 2.25 -3.81
CA GLU A 190 -14.79 3.25 -3.51
C GLU A 190 -13.46 2.88 -4.15
N ASN A 191 -13.15 3.54 -5.25
CA ASN A 191 -11.94 3.21 -6.02
C ASN A 191 -11.82 1.75 -6.41
N ASN A 192 -12.87 1.27 -7.08
CA ASN A 192 -12.97 -0.10 -7.61
C ASN A 192 -12.95 -1.20 -6.56
N ARG A 193 -12.98 -0.80 -5.29
CA ARG A 193 -13.15 -1.73 -4.18
C ARG A 193 -14.59 -1.80 -3.72
N ILE A 194 -15.18 -2.99 -3.75
CA ILE A 194 -16.57 -3.10 -3.31
C ILE A 194 -16.70 -3.92 -2.02
N ARG A 195 -17.68 -3.56 -1.20
CA ARG A 195 -17.95 -4.23 0.07
C ARG A 195 -19.44 -4.34 0.29
N LEU A 196 -19.86 -5.44 0.89
CA LEU A 196 -21.23 -5.63 1.34
C LEU A 196 -21.55 -4.80 2.59
N ALA A 197 -22.54 -3.91 2.52
CA ALA A 197 -22.74 -2.93 3.59
C ALA A 197 -24.05 -3.07 4.36
N ALA A 198 -24.71 -4.21 4.27
CA ALA A 198 -25.99 -4.41 4.93
C ALA A 198 -26.10 -5.79 5.54
N CYS A 199 -24.95 -6.40 5.77
CA CYS A 199 -24.93 -7.77 6.27
C CYS A 199 -25.46 -7.86 7.69
N SER A 200 -26.00 -9.04 8.00
CA SER A 200 -26.55 -9.37 9.33
C SER A 200 -27.90 -8.71 9.61
N ILE A 201 -28.37 -7.86 8.70
CA ILE A 201 -29.64 -7.14 8.94
C ILE A 201 -30.87 -8.01 8.70
N LEU A 202 -30.99 -8.62 7.53
CA LEU A 202 -32.16 -9.47 7.29
C LEU A 202 -32.11 -10.67 8.21
N ASP A 203 -30.91 -11.02 8.65
CA ASP A 203 -30.74 -12.06 9.66
C ASP A 203 -31.57 -11.68 10.87
N VAL A 204 -31.68 -10.38 11.13
CA VAL A 204 -32.44 -9.87 12.29
C VAL A 204 -33.91 -9.65 11.92
N LEU A 205 -34.14 -8.98 10.80
CA LEU A 205 -35.50 -8.62 10.38
C LEU A 205 -36.35 -9.81 9.91
N HIS A 206 -35.74 -10.97 9.74
CA HIS A 206 -36.48 -12.16 9.31
C HIS A 206 -36.28 -13.27 10.32
N HIS A 207 -35.69 -12.89 11.43
CA HIS A 207 -35.31 -13.74 12.55
C HIS A 207 -36.55 -14.37 13.12
N ASP A 208 -37.62 -13.62 12.95
CA ASP A 208 -38.95 -13.94 13.42
C ASP A 208 -40.01 -13.82 12.33
N SER A 209 -40.08 -14.90 11.55
CA SER A 209 -41.10 -15.03 10.53
C SER A 209 -41.40 -16.51 10.21
N PRO A 210 -42.65 -16.77 9.77
CA PRO A 210 -43.00 -18.11 9.28
C PRO A 210 -42.26 -18.54 8.02
N ASN A 211 -42.24 -19.85 7.77
CA ASN A 211 -41.57 -20.39 6.58
C ASN A 211 -40.17 -19.89 6.23
N ARG A 212 -39.29 -19.92 7.21
CA ARG A 212 -37.87 -19.59 7.05
C ARG A 212 -37.20 -20.59 6.13
N LYS A 213 -36.31 -20.04 5.30
CA LYS A 213 -35.55 -20.83 4.37
C LYS A 213 -34.31 -21.22 5.15
N THR A 214 -33.67 -22.31 4.74
CA THR A 214 -32.48 -22.83 5.39
C THR A 214 -31.24 -22.06 4.97
N ILE A 215 -30.23 -22.08 5.82
CA ILE A 215 -29.01 -21.41 5.46
C ILE A 215 -28.49 -22.03 4.17
N GLU A 216 -28.87 -23.28 3.89
CA GLU A 216 -28.43 -23.95 2.68
C GLU A 216 -29.19 -23.40 1.47
N GLU A 217 -30.49 -23.18 1.68
CA GLU A 217 -31.36 -22.65 0.64
C GLU A 217 -31.07 -21.16 0.42
N LEU A 218 -30.80 -20.44 1.51
CA LEU A 218 -30.47 -19.01 1.46
C LEU A 218 -29.13 -18.74 0.79
N GLN A 219 -28.20 -19.67 0.99
CA GLN A 219 -26.88 -19.63 0.39
C GLN A 219 -26.97 -19.69 -1.11
N GLN A 220 -27.97 -20.42 -1.58
CA GLN A 220 -28.21 -20.58 -3.01
C GLN A 220 -28.74 -19.30 -3.65
N GLU A 221 -29.58 -18.58 -2.91
CA GLU A 221 -30.15 -17.32 -3.40
C GLU A 221 -29.07 -16.26 -3.59
N ASP A 222 -28.02 -16.37 -2.79
CA ASP A 222 -26.88 -15.48 -2.88
C ASP A 222 -26.30 -15.53 -4.29
N PHE A 223 -26.09 -16.75 -4.78
CA PHE A 223 -25.52 -16.99 -6.11
C PHE A 223 -26.39 -16.37 -7.19
N VAL A 224 -27.70 -16.44 -6.98
CA VAL A 224 -28.64 -15.89 -7.94
C VAL A 224 -28.58 -14.36 -7.96
N LYS A 225 -28.58 -13.76 -6.78
CA LYS A 225 -28.47 -12.29 -6.65
C LYS A 225 -27.10 -11.81 -7.13
N PHE A 226 -26.10 -12.66 -6.94
CA PHE A 226 -24.75 -12.40 -7.44
C PHE A 226 -24.81 -12.16 -8.94
N GLY A 227 -25.32 -13.14 -9.66
CA GLY A 227 -25.41 -13.07 -11.09
C GLY A 227 -26.18 -11.86 -11.59
N ARG A 228 -27.27 -11.51 -10.91
CA ARG A 228 -28.10 -10.40 -11.37
C ARG A 228 -27.43 -9.04 -11.26
N ILE A 229 -26.63 -8.86 -10.21
CA ILE A 229 -25.89 -7.62 -9.99
C ILE A 229 -24.88 -7.39 -11.11
N ILE A 230 -24.09 -8.41 -11.43
CA ILE A 230 -23.08 -8.28 -12.47
C ILE A 230 -23.79 -8.12 -13.79
N LEU A 231 -24.85 -8.90 -13.99
CA LEU A 231 -25.65 -8.85 -15.21
C LEU A 231 -26.19 -7.46 -15.45
N ALA A 232 -26.60 -6.81 -14.37
CA ALA A 232 -27.13 -5.46 -14.42
C ALA A 232 -26.09 -4.46 -14.89
N LEU A 233 -24.87 -4.59 -14.38
CA LEU A 233 -23.80 -3.69 -14.76
C LEU A 233 -23.40 -3.89 -16.22
N ALA A 234 -23.44 -5.15 -16.62
CA ALA A 234 -23.06 -5.58 -17.97
C ALA A 234 -24.07 -5.15 -19.03
N THR A 235 -25.35 -5.14 -18.69
CA THR A 235 -26.37 -4.79 -19.67
C THR A 235 -26.72 -3.32 -19.52
N ASN A 236 -26.07 -2.69 -18.55
CA ASN A 236 -26.23 -1.28 -18.25
C ASN A 236 -27.71 -0.93 -18.10
N THR A 237 -28.44 -1.81 -17.42
CA THR A 237 -29.86 -1.63 -17.14
C THR A 237 -30.13 -1.74 -15.63
N PRO A 238 -30.37 -0.59 -14.98
CA PRO A 238 -30.58 -0.58 -13.52
C PRO A 238 -31.67 -1.56 -13.09
N THR A 239 -32.86 -1.43 -13.69
CA THR A 239 -33.98 -2.32 -13.42
C THR A 239 -33.85 -3.60 -14.25
N LEU A 240 -33.99 -4.72 -13.57
CA LEU A 240 -33.85 -6.07 -14.09
C LEU A 240 -35.14 -6.79 -13.78
N ASN A 241 -35.67 -7.48 -14.76
CA ASN A 241 -36.94 -8.17 -14.67
C ASN A 241 -36.72 -9.66 -14.81
N PHE A 242 -37.77 -10.42 -14.47
CA PHE A 242 -37.65 -11.85 -14.49
C PHE A 242 -37.64 -12.44 -15.92
N ASN A 243 -38.26 -11.71 -16.85
CA ASN A 243 -38.40 -12.16 -18.24
C ASN A 243 -37.13 -12.08 -19.06
N ASN A 244 -36.07 -11.47 -18.53
CA ASN A 244 -34.87 -11.40 -19.34
C ASN A 244 -33.63 -11.98 -18.74
N ILE A 245 -33.80 -12.99 -17.90
CA ILE A 245 -32.67 -13.68 -17.30
C ILE A 245 -31.91 -14.43 -18.41
N ASP A 246 -32.62 -14.81 -19.46
CA ASP A 246 -32.00 -15.49 -20.59
C ASP A 246 -31.81 -14.53 -21.77
N ALA A 247 -32.63 -13.49 -21.79
CA ALA A 247 -32.62 -12.46 -22.83
C ALA A 247 -31.44 -11.49 -22.73
N ALA A 248 -31.22 -10.99 -21.52
CA ALA A 248 -30.14 -10.06 -21.26
C ALA A 248 -28.84 -10.84 -21.23
N LEU A 249 -28.94 -12.15 -21.03
CA LEU A 249 -27.79 -13.06 -20.98
C LEU A 249 -27.09 -13.30 -22.34
N ALA A 250 -27.80 -13.10 -23.45
CA ALA A 250 -27.21 -13.35 -24.77
C ALA A 250 -26.63 -12.09 -25.42
N THR A 251 -26.72 -10.96 -24.72
CA THR A 251 -26.22 -9.69 -25.26
C THR A 251 -24.78 -9.48 -24.82
N ILE A 252 -24.28 -10.34 -23.94
CA ILE A 252 -22.98 -10.03 -23.38
C ILE A 252 -21.87 -10.85 -24.00
N VAL A 253 -22.27 -11.84 -24.78
CA VAL A 253 -21.31 -12.73 -25.42
C VAL A 253 -20.57 -11.90 -26.52
N PRO A 254 -21.27 -10.92 -27.16
CA PRO A 254 -20.53 -10.12 -28.14
C PRO A 254 -19.78 -8.99 -27.44
N ARG A 255 -20.32 -8.44 -26.37
CA ARG A 255 -19.68 -7.32 -25.70
C ARG A 255 -18.54 -7.81 -24.78
N TYR A 256 -18.81 -8.92 -24.10
CA TYR A 256 -17.89 -9.58 -23.15
C TYR A 256 -17.47 -10.99 -23.57
N SER A 257 -16.47 -11.54 -22.90
CA SER A 257 -15.94 -12.87 -23.23
C SER A 257 -16.97 -13.96 -22.95
N THR A 258 -16.82 -15.11 -23.61
CA THR A 258 -17.72 -16.24 -23.39
C THR A 258 -17.58 -16.83 -22.00
N GLN A 259 -16.41 -16.68 -21.38
CA GLN A 259 -16.25 -17.22 -20.04
C GLN A 259 -17.15 -16.49 -19.07
N LEU A 260 -17.18 -15.18 -19.24
CA LEU A 260 -17.99 -14.31 -18.41
C LEU A 260 -19.48 -14.66 -18.53
N ARG A 261 -19.98 -14.85 -19.75
CA ARG A 261 -21.39 -15.21 -19.88
C ARG A 261 -21.72 -16.56 -19.23
N GLY A 262 -20.79 -17.49 -19.33
CA GLY A 262 -20.97 -18.82 -18.78
C GLY A 262 -21.07 -18.80 -17.28
N VAL A 263 -20.26 -17.95 -16.68
CA VAL A 263 -20.24 -17.81 -15.24
C VAL A 263 -21.51 -17.14 -14.74
N LEU A 264 -21.95 -16.07 -15.40
CA LEU A 264 -23.18 -15.41 -14.99
C LEU A 264 -24.37 -16.37 -15.05
N GLU A 265 -24.40 -17.16 -16.10
CA GLU A 265 -25.45 -18.14 -16.33
C GLU A 265 -25.38 -19.17 -15.21
N TRP A 266 -24.16 -19.61 -14.88
CA TRP A 266 -23.98 -20.61 -13.84
C TRP A 266 -24.48 -20.05 -12.51
N LEU A 267 -24.20 -18.78 -12.24
CA LEU A 267 -24.57 -18.15 -10.96
C LEU A 267 -26.06 -17.84 -10.77
N ILE A 268 -26.65 -17.33 -11.85
CA ILE A 268 -28.01 -16.81 -11.88
C ILE A 268 -29.06 -17.89 -12.02
N LYS A 269 -28.84 -18.88 -12.88
CA LYS A 269 -29.89 -19.86 -13.07
C LYS A 269 -30.00 -20.58 -11.73
N PRO A 270 -31.24 -20.83 -11.30
CA PRO A 270 -31.65 -21.49 -10.06
C PRO A 270 -31.26 -22.95 -10.00
N SER A 271 -31.37 -23.62 -11.13
CA SER A 271 -31.59 -25.05 -11.17
C SER A 271 -30.66 -25.81 -10.27
N ALA A 272 -29.37 -25.62 -10.48
CA ALA A 272 -28.40 -26.42 -9.77
C ALA A 272 -28.84 -27.87 -9.96
N PRO A 273 -29.02 -28.25 -11.24
CA PRO A 273 -29.79 -29.35 -11.87
C PRO A 273 -29.63 -30.67 -11.14
N GLY A 274 -28.41 -31.01 -10.75
CA GLY A 274 -28.20 -32.25 -10.03
C GLY A 274 -27.53 -32.08 -8.69
N GLU A 275 -27.04 -30.88 -8.41
CA GLU A 275 -26.27 -30.64 -7.20
C GLU A 275 -26.45 -29.17 -6.94
N THR A 276 -26.34 -28.70 -5.72
CA THR A 276 -26.48 -27.25 -5.58
C THR A 276 -25.13 -26.58 -5.42
N LYS A 277 -25.06 -25.39 -6.01
CA LYS A 277 -23.89 -24.53 -6.10
C LYS A 277 -23.26 -23.98 -4.83
N THR A 278 -21.94 -24.08 -4.77
CA THR A 278 -21.15 -23.58 -3.64
C THR A 278 -20.07 -22.72 -4.29
N VAL A 279 -19.54 -21.78 -3.52
CA VAL A 279 -18.52 -20.81 -3.94
C VAL A 279 -17.21 -21.49 -4.29
N GLU A 280 -16.91 -22.59 -3.60
CA GLU A 280 -15.69 -23.31 -3.85
C GLU A 280 -15.69 -23.80 -5.29
N THR A 281 -16.89 -24.07 -5.81
CA THR A 281 -17.06 -24.50 -7.19
C THR A 281 -16.97 -23.30 -8.14
N LEU A 282 -17.36 -22.13 -7.67
CA LEU A 282 -17.31 -20.93 -8.50
C LEU A 282 -15.88 -20.50 -8.68
N LEU A 283 -15.10 -20.69 -7.62
CA LEU A 283 -13.72 -20.22 -7.55
C LEU A 283 -12.94 -20.87 -8.67
N GLY A 284 -13.06 -22.19 -8.77
CA GLY A 284 -12.36 -22.91 -9.82
C GLY A 284 -12.84 -22.42 -11.17
N GLY A 285 -14.07 -21.92 -11.24
CA GLY A 285 -14.60 -21.38 -12.48
C GLY A 285 -13.92 -20.08 -12.94
N ILE A 286 -13.57 -19.26 -11.96
CA ILE A 286 -12.87 -17.99 -12.11
C ILE A 286 -11.41 -18.19 -12.49
N THR A 287 -10.65 -18.97 -11.73
CA THR A 287 -9.28 -19.32 -12.16
C THR A 287 -8.35 -18.13 -12.31
N THR A 288 -7.96 -17.86 -13.55
CA THR A 288 -6.97 -16.85 -13.80
C THR A 288 -7.37 -15.46 -13.34
N HIS A 289 -8.68 -15.19 -13.32
CA HIS A 289 -9.12 -13.86 -12.92
C HIS A 289 -8.86 -13.53 -11.46
N LEU A 290 -8.76 -14.56 -10.63
CA LEU A 290 -8.43 -14.38 -9.23
C LEU A 290 -6.95 -14.00 -9.10
N ALA A 291 -6.12 -14.64 -9.92
CA ALA A 291 -4.69 -14.37 -9.98
C ALA A 291 -4.42 -12.98 -10.51
N ASN A 292 -5.16 -12.61 -11.56
CA ASN A 292 -5.06 -11.30 -12.18
C ASN A 292 -5.39 -10.26 -11.14
N PHE A 293 -6.47 -10.52 -10.41
CA PHE A 293 -6.93 -9.65 -9.38
C PHE A 293 -5.90 -9.61 -8.27
N ALA A 294 -5.48 -10.79 -7.80
CA ALA A 294 -4.48 -10.84 -6.74
C ALA A 294 -3.20 -10.11 -7.15
N ASN A 295 -2.78 -10.26 -8.42
CA ASN A 295 -1.59 -9.57 -8.91
C ASN A 295 -1.76 -8.05 -8.87
N PHE A 296 -2.94 -7.61 -9.31
CA PHE A 296 -3.30 -6.18 -9.34
C PHE A 296 -3.36 -5.46 -8.00
N VAL A 297 -3.99 -6.11 -7.03
CA VAL A 297 -4.13 -5.52 -5.71
C VAL A 297 -2.74 -5.37 -5.13
N MET A 298 -1.89 -6.37 -5.37
CA MET A 298 -0.51 -6.35 -4.93
C MET A 298 0.31 -5.18 -5.47
N GLN A 299 0.16 -4.87 -6.76
CA GLN A 299 0.89 -3.76 -7.37
C GLN A 299 0.39 -2.41 -6.87
N GLU A 300 -0.92 -2.34 -6.63
CA GLU A 300 -1.55 -1.14 -6.13
C GLU A 300 -1.11 -0.93 -4.68
N SER A 301 -0.94 -2.02 -3.95
CA SER A 301 -0.46 -1.97 -2.57
C SER A 301 1.00 -1.50 -2.50
N ASP A 302 1.77 -1.84 -3.53
CA ASP A 302 3.18 -1.43 -3.69
C ASP A 302 3.29 0.07 -3.96
N GLU A 303 2.37 0.60 -4.77
CA GLU A 303 2.38 2.02 -5.13
C GLU A 303 2.12 2.91 -3.93
N LYS A 304 1.34 2.39 -2.98
CA LYS A 304 1.06 3.10 -1.74
C LYS A 304 2.31 3.15 -0.89
N GLU A 305 3.13 2.12 -1.04
CA GLU A 305 4.39 2.00 -0.32
C GLU A 305 5.32 3.10 -0.81
N PHE A 306 5.33 3.36 -2.13
CA PHE A 306 6.25 4.41 -2.58
C PHE A 306 5.79 5.78 -2.10
N HIS A 307 4.47 5.98 -2.08
CA HIS A 307 3.86 7.21 -1.62
C HIS A 307 4.02 7.40 -0.12
N LEU A 308 4.02 6.26 0.57
CA LEU A 308 4.24 6.20 2.01
C LEU A 308 5.66 6.68 2.30
N MET A 309 6.63 6.03 1.67
CA MET A 309 8.04 6.38 1.85
C MET A 309 8.29 7.84 1.49
N ARG A 310 7.61 8.36 0.47
CA ARG A 310 7.80 9.78 0.15
C ARG A 310 7.38 10.67 1.30
N GLU A 311 6.29 10.29 1.97
CA GLU A 311 5.76 11.12 3.03
C GLU A 311 6.61 11.01 4.27
N LEU A 312 7.19 9.82 4.47
CA LEU A 312 8.11 9.62 5.57
C LEU A 312 9.38 10.45 5.30
N GLU A 313 9.72 10.56 4.02
CA GLU A 313 10.85 11.36 3.56
C GLU A 313 10.65 12.83 3.93
N ASN A 314 9.39 13.27 3.82
CA ASN A 314 8.96 14.62 4.16
C ASN A 314 9.23 14.87 5.63
N GLY A 315 9.05 13.82 6.43
CA GLY A 315 9.34 13.89 7.85
C GLY A 315 10.83 14.16 8.02
N ARG A 316 11.66 13.50 7.23
CA ARG A 316 13.11 13.71 7.33
C ARG A 316 13.53 15.11 6.89
N ILE A 317 12.83 15.65 5.90
CA ILE A 317 13.09 16.99 5.40
C ILE A 317 12.68 18.05 6.42
N ALA A 318 11.59 17.78 7.11
CA ALA A 318 11.08 18.68 8.12
C ALA A 318 12.00 18.69 9.32
N ARG A 319 12.53 17.51 9.65
CA ARG A 319 13.45 17.42 10.77
C ARG A 319 14.78 18.12 10.46
N LEU A 320 15.17 18.11 9.20
CA LEU A 320 16.36 18.86 8.79
C LEU A 320 16.19 20.36 8.92
N MET A 321 15.02 20.86 8.52
CA MET A 321 14.74 22.27 8.62
C MET A 321 14.52 22.71 10.05
N PHE A 322 14.09 21.79 10.90
CA PHE A 322 13.95 22.11 12.32
C PHE A 322 15.32 22.48 12.85
N LYS A 323 16.29 21.61 12.59
CA LYS A 323 17.66 21.85 13.01
C LYS A 323 18.15 23.17 12.40
N LEU A 324 17.91 23.34 11.11
CA LEU A 324 18.39 24.53 10.41
C LEU A 324 17.76 25.80 10.98
N SER A 325 16.49 25.73 11.36
CA SER A 325 15.80 26.90 11.91
C SER A 325 16.25 27.21 13.32
N VAL A 326 16.64 26.16 14.04
CA VAL A 326 17.13 26.32 15.40
C VAL A 326 18.46 27.09 15.41
N VAL A 327 19.36 26.70 14.51
CA VAL A 327 20.69 27.31 14.43
C VAL A 327 20.61 28.75 13.98
N ASN A 328 19.90 28.95 12.88
CA ASN A 328 19.78 30.24 12.24
C ASN A 328 19.24 31.26 13.23
N GLU A 329 19.90 32.41 13.29
CA GLU A 329 19.49 33.51 14.16
C GLU A 329 19.29 33.13 15.63
N ARG A 330 20.22 32.35 16.15
CA ARG A 330 20.30 31.94 17.55
C ARG A 330 21.23 32.76 18.38
N GLU A 341 24.59 34.56 13.76
CA GLU A 341 25.84 33.84 13.95
C GLU A 341 26.77 33.98 12.76
N THR A 342 28.02 33.59 12.98
CA THR A 342 29.09 33.70 11.99
C THR A 342 29.90 32.42 12.17
N GLY A 343 31.08 32.33 11.60
CA GLY A 343 31.81 31.11 11.77
C GLY A 343 31.35 30.05 10.79
N GLU A 344 31.33 28.80 11.21
CA GLU A 344 30.85 27.73 10.33
C GLU A 344 29.33 27.74 10.20
N ARG A 345 28.64 28.37 11.15
CA ARG A 345 27.19 28.52 11.10
C ARG A 345 26.79 29.65 10.15
N LEU A 346 27.73 30.51 9.80
CA LEU A 346 27.48 31.57 8.84
C LEU A 346 27.15 30.96 7.47
N LEU A 347 27.77 29.81 7.19
CA LEU A 347 27.51 29.11 5.95
C LEU A 347 26.12 28.50 5.93
N LEU A 348 25.66 27.99 7.05
CA LEU A 348 24.30 27.46 7.17
C LEU A 348 23.29 28.58 6.94
N LYS A 349 23.62 29.76 7.45
CA LYS A 349 22.78 30.94 7.25
C LYS A 349 22.75 31.23 5.75
N LEU A 350 23.91 31.18 5.11
CA LEU A 350 24.00 31.45 3.68
C LEU A 350 23.32 30.35 2.86
N PHE A 351 23.31 29.13 3.40
CA PHE A 351 22.64 28.02 2.75
C PHE A 351 21.14 28.24 2.76
N ARG A 352 20.63 28.75 3.88
CA ARG A 352 19.22 29.07 4.01
C ARG A 352 18.86 30.18 3.00
N ASP A 353 19.71 31.19 2.83
CA ASP A 353 19.45 32.22 1.81
C ASP A 353 19.39 31.59 0.42
N TYR A 354 20.31 30.65 0.18
CA TYR A 354 20.41 29.98 -1.10
C TYR A 354 19.15 29.22 -1.43
N VAL A 355 18.58 28.53 -0.45
CA VAL A 355 17.42 27.72 -0.72
C VAL A 355 16.13 28.53 -0.85
N PHE A 356 15.86 29.42 0.10
CA PHE A 356 14.53 30.04 0.19
C PHE A 356 14.41 31.52 -0.20
N HIS A 357 15.53 32.23 -0.22
CA HIS A 357 15.53 33.68 -0.45
C HIS A 357 16.00 34.04 -1.86
N GLN A 358 15.78 33.11 -2.78
CA GLN A 358 16.14 33.28 -4.18
C GLN A 358 15.28 34.39 -4.83
N VAL A 359 15.91 35.29 -5.58
CA VAL A 359 15.21 36.34 -6.33
C VAL A 359 15.57 36.41 -7.83
N ASP A 360 14.68 36.95 -8.65
CA ASP A 360 14.97 37.04 -10.09
C ASP A 360 15.88 38.21 -10.47
N ALA A 361 16.19 38.32 -11.76
CA ALA A 361 17.08 39.38 -12.24
C ALA A 361 16.50 40.77 -11.98
N ASP A 362 15.16 40.82 -11.92
CA ASP A 362 14.46 42.07 -11.66
C ASP A 362 14.56 42.41 -10.18
N GLY A 363 14.55 41.38 -9.33
CA GLY A 363 14.61 41.59 -7.90
C GLY A 363 13.42 40.99 -7.20
N LYS A 364 12.44 40.57 -7.97
CA LYS A 364 11.23 39.98 -7.42
C LYS A 364 11.51 38.55 -6.95
N ALA A 365 10.75 38.10 -5.94
CA ALA A 365 10.97 36.79 -5.33
C ALA A 365 10.70 35.68 -6.32
N ARG A 366 11.55 34.67 -6.29
CA ARG A 366 11.36 33.49 -7.13
C ARG A 366 10.89 32.28 -6.36
N LEU A 367 9.60 32.21 -6.03
CA LEU A 367 9.06 31.06 -5.32
C LEU A 367 9.13 29.77 -6.13
N ASP A 368 9.70 28.71 -5.53
CA ASP A 368 9.87 27.44 -6.25
C ASP A 368 9.93 26.31 -5.21
N THR A 369 8.79 25.67 -4.97
CA THR A 369 8.72 24.58 -4.00
C THR A 369 9.66 23.47 -4.47
N ASN A 370 9.74 23.28 -5.79
CA ASN A 370 10.61 22.27 -6.37
C ASN A 370 12.05 22.56 -5.98
N HIS A 371 12.45 23.83 -6.02
CA HIS A 371 13.80 24.19 -5.64
C HIS A 371 14.04 23.83 -4.18
N TYR A 372 13.04 24.14 -3.35
CA TYR A 372 13.09 23.89 -1.91
C TYR A 372 13.21 22.38 -1.70
N LEU A 373 12.38 21.66 -2.44
CA LEU A 373 12.27 20.21 -2.36
C LEU A 373 13.57 19.53 -2.73
N ASN A 374 14.13 19.90 -3.87
CA ASN A 374 15.32 19.22 -4.36
C ASN A 374 16.57 19.53 -3.54
N CYS A 375 16.61 20.72 -2.95
CA CYS A 375 17.70 21.11 -2.06
C CYS A 375 17.73 20.27 -0.81
N LEU A 376 16.58 20.12 -0.17
CA LEU A 376 16.52 19.38 1.07
C LEU A 376 16.66 17.89 0.83
N SER A 377 16.24 17.41 -0.34
CA SER A 377 16.48 16.01 -0.67
C SER A 377 17.99 15.78 -0.73
N LYS A 378 18.69 16.71 -1.38
CA LYS A 378 20.14 16.64 -1.52
C LYS A 378 20.83 16.85 -0.17
N LEU A 379 20.21 17.62 0.70
CA LEU A 379 20.74 17.83 2.03
C LEU A 379 20.56 16.55 2.85
N ASP A 380 19.43 15.89 2.64
CA ASP A 380 19.10 14.66 3.37
C ASP A 380 19.97 13.49 2.93
N ALA A 381 20.29 13.44 1.64
CA ALA A 381 21.12 12.36 1.11
C ALA A 381 22.61 12.61 1.31
N SER A 382 22.95 13.78 1.87
CA SER A 382 24.34 14.19 2.05
C SER A 382 25.00 14.12 0.68
N SER A 383 24.30 14.68 -0.30
CA SER A 383 24.73 14.65 -1.69
C SER A 383 26.11 15.25 -1.82
N GLU A 384 26.90 14.67 -2.73
CA GLU A 384 28.25 15.11 -2.97
C GLU A 384 28.26 16.30 -3.91
N GLU A 385 27.10 16.64 -4.47
CA GLU A 385 26.96 17.76 -5.39
C GLU A 385 27.33 19.07 -4.73
N GLN A 386 27.98 19.96 -5.49
CA GLN A 386 28.40 21.24 -4.92
C GLN A 386 27.47 22.35 -5.43
N ILE A 387 27.35 23.40 -4.62
CA ILE A 387 26.55 24.58 -4.92
C ILE A 387 27.30 25.83 -4.50
N LEU A 388 26.87 26.98 -5.01
CA LEU A 388 27.49 28.26 -4.68
C LEU A 388 26.71 29.09 -3.67
N LEU A 389 27.39 29.45 -2.58
CA LEU A 389 26.77 30.25 -1.55
C LEU A 389 27.33 31.67 -1.53
N THR A 390 26.55 32.64 -1.98
CA THR A 390 26.99 34.03 -1.96
C THR A 390 26.64 34.73 -0.64
N SER A 391 27.56 35.50 -0.08
CA SER A 391 27.29 36.21 1.16
C SER A 391 26.37 37.41 0.92
N ARG A 392 25.91 38.07 1.99
CA ARG A 392 25.03 39.24 1.96
C ARG A 392 25.77 40.27 1.09
N ASP A 393 27.06 40.44 1.40
CA ASP A 393 28.02 41.22 0.60
C ASP A 393 28.51 40.40 -0.58
N ASN A 394 28.21 40.92 -1.78
CA ASN A 394 28.40 40.23 -3.06
C ASN A 394 29.83 39.89 -3.36
N ALA A 395 30.71 40.22 -2.43
CA ALA A 395 32.14 40.00 -2.56
C ALA A 395 32.62 38.55 -2.36
N THR A 396 31.99 37.81 -1.44
CA THR A 396 32.39 36.43 -1.13
C THR A 396 31.44 35.29 -1.51
N VAL A 397 32.00 34.25 -2.14
CA VAL A 397 31.21 33.09 -2.54
C VAL A 397 31.89 31.80 -2.11
N PHE A 398 31.10 30.89 -1.53
CA PHE A 398 31.59 29.64 -0.98
C PHE A 398 31.20 28.49 -1.90
N VAL A 399 32.19 27.75 -2.35
CA VAL A 399 31.97 26.53 -3.09
C VAL A 399 31.88 25.42 -2.06
N VAL A 400 30.72 24.82 -1.94
CA VAL A 400 30.48 23.83 -0.90
C VAL A 400 29.54 22.74 -1.39
N SER A 401 29.64 21.54 -0.81
CA SER A 401 28.76 20.46 -1.19
C SER A 401 27.64 20.32 -0.17
N TYR A 402 26.56 19.64 -0.54
CA TYR A 402 25.49 19.39 0.40
C TYR A 402 25.97 18.55 1.57
N ARG A 403 26.87 17.63 1.25
CA ARG A 403 27.46 16.74 2.23
C ARG A 403 28.20 17.56 3.27
N SER A 404 28.99 18.52 2.81
CA SER A 404 29.73 19.36 3.73
C SER A 404 28.72 20.17 4.52
N ILE A 405 27.73 20.71 3.83
CA ILE A 405 26.68 21.50 4.47
C ILE A 405 25.94 20.64 5.50
N ARG A 406 25.65 19.40 5.10
CA ARG A 406 24.95 18.48 5.97
C ARG A 406 25.78 18.21 7.23
N GLN A 407 27.09 17.98 7.07
CA GLN A 407 27.93 17.69 8.23
C GLN A 407 28.10 18.92 9.10
N MET A 408 28.09 20.10 8.50
CA MET A 408 28.18 21.29 9.30
C MET A 408 26.87 21.43 10.06
N LEU A 409 25.77 21.09 9.40
CA LEU A 409 24.47 21.22 10.04
C LEU A 409 24.28 20.28 11.23
N ASP A 410 24.52 18.98 11.05
CA ASP A 410 24.39 18.03 12.16
C ASP A 410 25.39 18.29 13.29
N ARG A 411 26.61 18.68 12.93
CA ARG A 411 27.67 18.95 13.90
C ARG A 411 27.24 20.14 14.75
N ALA A 412 26.75 21.21 14.14
CA ALA A 412 26.38 22.40 14.91
C ALA A 412 25.17 22.09 15.79
N TYR A 413 24.22 21.30 15.30
CA TYR A 413 23.04 20.95 16.09
C TYR A 413 23.36 20.09 17.31
N GLY A 414 24.38 19.25 17.18
CA GLY A 414 24.77 18.38 18.28
C GLY A 414 25.51 19.12 19.38
N GLU A 415 26.22 20.16 18.97
CA GLU A 415 27.00 20.99 19.87
C GLU A 415 26.15 21.92 20.72
N LEU A 416 24.88 22.09 20.36
CA LEU A 416 24.02 22.87 21.24
C LEU A 416 23.43 22.03 22.35
N GLY A 417 23.36 20.72 22.17
CA GLY A 417 22.85 19.89 23.26
C GLY A 417 23.92 19.62 24.31
N LYS A 418 25.17 19.82 23.91
CA LYS A 418 26.34 19.63 24.78
C LYS A 418 26.54 20.63 25.93
N GLU A 419 26.19 21.88 25.67
CA GLU A 419 26.27 22.95 26.66
C GLU A 419 25.32 22.75 27.82
N PRO B 8 1.64 2.22 13.15
CA PRO B 8 2.36 1.62 14.27
C PRO B 8 3.88 1.62 14.11
N LYS B 9 4.55 1.39 15.24
CA LYS B 9 6.01 1.44 15.39
C LYS B 9 6.74 0.42 14.46
N ASP B 10 6.32 -0.85 14.41
CA ASP B 10 7.08 -1.83 13.60
C ASP B 10 6.95 -1.47 12.14
N ARG B 11 5.78 -0.97 11.77
CA ARG B 11 5.56 -0.62 10.40
C ARG B 11 6.40 0.59 10.02
N ARG B 12 6.48 1.53 10.96
CA ARG B 12 7.25 2.75 10.77
C ARG B 12 8.76 2.51 10.71
N GLU B 13 9.24 1.63 11.59
CA GLU B 13 10.67 1.32 11.66
C GLU B 13 11.10 0.44 10.48
N ASN B 14 10.13 -0.21 9.85
CA ASN B 14 10.39 -0.99 8.64
C ASN B 14 10.64 -0.05 7.49
N LEU B 15 9.79 0.97 7.45
CA LEU B 15 9.85 2.04 6.47
C LEU B 15 11.06 2.90 6.72
N GLN B 16 11.49 2.96 7.98
CA GLN B 16 12.66 3.74 8.28
C GLN B 16 13.92 3.00 7.83
N LYS B 17 13.87 1.68 7.93
CA LYS B 17 14.94 0.81 7.47
C LYS B 17 15.03 0.71 5.95
N LYS B 18 13.90 0.82 5.28
CA LYS B 18 13.88 0.80 3.82
C LYS B 18 14.52 2.07 3.25
N LEU B 19 14.06 3.23 3.73
CA LEU B 19 14.60 4.52 3.29
C LEU B 19 16.09 4.64 3.64
N PHE B 20 16.50 4.06 4.77
CA PHE B 20 17.90 4.14 5.21
C PHE B 20 18.84 3.25 4.39
N HIS B 21 18.33 2.16 3.82
CA HIS B 21 19.14 1.23 3.06
C HIS B 21 19.47 1.79 1.70
N MET B 22 18.56 2.60 1.20
CA MET B 22 18.71 3.26 -0.07
C MET B 22 19.76 4.36 -0.04
N GLN B 23 19.82 5.10 1.06
CA GLN B 23 20.78 6.18 1.15
C GLN B 23 22.19 5.67 1.54
N GLN B 24 22.25 4.50 2.17
CA GLN B 24 23.51 3.95 2.72
C GLN B 24 24.72 3.87 1.76
N LEU B 25 25.86 4.37 2.20
CA LEU B 25 27.15 4.34 1.47
C LEU B 25 28.23 3.74 2.38
N LEU B 26 29.42 3.60 1.81
CA LEU B 26 30.66 3.09 2.44
C LEU B 26 31.84 3.92 2.01
N PRO B 27 32.21 4.91 2.84
CA PRO B 27 33.14 6.00 2.58
C PRO B 27 34.47 5.38 2.19
N ASN B 28 34.87 4.26 2.78
CA ASN B 28 36.17 3.76 2.37
C ASN B 28 36.19 2.91 1.10
N SER B 29 35.01 2.61 0.56
CA SER B 29 34.93 1.70 -0.58
C SER B 29 35.50 2.25 -1.91
N GLY B 30 36.16 1.34 -2.61
CA GLY B 30 36.82 1.43 -3.91
C GLY B 30 36.18 0.78 -5.14
N LEU B 31 34.89 0.89 -5.42
CA LEU B 31 34.35 0.13 -6.58
C LEU B 31 34.25 1.10 -7.74
N PRO B 32 34.58 0.61 -8.95
CA PRO B 32 34.63 1.50 -10.12
C PRO B 32 33.28 1.87 -10.65
N ASN B 33 33.15 3.19 -10.78
CA ASN B 33 32.03 3.83 -11.42
C ASN B 33 31.79 3.40 -12.83
N LEU B 34 30.55 3.10 -13.13
CA LEU B 34 30.29 2.73 -14.48
C LEU B 34 29.95 3.98 -15.28
N ASP B 35 29.84 3.79 -16.59
CA ASP B 35 29.53 4.84 -17.54
C ASP B 35 28.16 5.45 -17.26
N ARG B 36 27.24 4.62 -16.77
CA ARG B 36 25.86 5.02 -16.52
C ARG B 36 25.42 4.86 -15.05
N TRP B 37 26.37 4.53 -14.18
CA TRP B 37 26.10 4.23 -12.78
C TRP B 37 27.18 4.76 -11.83
N HIS B 38 26.75 5.15 -10.64
CA HIS B 38 27.67 5.64 -9.62
C HIS B 38 27.24 5.21 -8.23
N SER B 39 28.07 5.49 -7.23
CA SER B 39 27.81 5.14 -5.84
C SER B 39 27.51 3.65 -5.66
N LEU B 40 28.30 2.75 -6.26
CA LEU B 40 28.03 1.32 -6.08
C LEU B 40 28.16 0.84 -4.63
N PHE B 41 27.13 0.16 -4.10
CA PHE B 41 27.13 -0.32 -2.71
C PHE B 41 26.87 -1.84 -2.64
N PRO B 42 27.70 -2.61 -1.92
CA PRO B 42 27.60 -4.07 -1.79
C PRO B 42 26.35 -4.50 -1.01
N LEU B 43 25.67 -5.51 -1.54
CA LEU B 43 24.43 -6.03 -0.97
C LEU B 43 24.66 -7.43 -0.36
N ASP B 44 25.81 -8.04 -0.70
CA ASP B 44 26.20 -9.39 -0.27
C ASP B 44 26.32 -9.52 1.24
N THR B 45 25.76 -10.56 1.87
CA THR B 45 25.83 -10.55 3.34
C THR B 45 26.98 -11.29 4.07
N LYS B 46 27.68 -12.12 3.30
CA LYS B 46 28.79 -13.01 3.66
C LYS B 46 29.95 -12.69 2.74
N ALA B 47 31.14 -13.10 3.15
CA ALA B 47 32.39 -12.87 2.43
C ALA B 47 32.78 -14.00 1.47
N THR B 48 31.92 -14.99 1.22
CA THR B 48 32.30 -16.13 0.37
C THR B 48 31.26 -16.32 -0.76
N ARG B 49 31.79 -16.67 -1.93
CA ARG B 49 31.00 -16.90 -3.17
C ARG B 49 31.24 -18.19 -3.94
N ASN B 50 30.17 -18.92 -4.26
CA ASN B 50 30.33 -20.14 -5.04
C ASN B 50 29.74 -20.08 -6.43
N SER B 51 30.16 -21.00 -7.30
CA SER B 51 29.67 -20.93 -8.67
C SER B 51 28.61 -22.01 -8.90
N THR B 52 27.92 -22.38 -7.83
CA THR B 52 26.89 -23.40 -7.91
C THR B 52 25.67 -22.81 -8.58
N CYS B 53 25.36 -21.59 -8.19
CA CYS B 53 24.17 -20.89 -8.66
C CYS B 53 24.31 -20.48 -10.11
N PHE B 54 25.45 -19.92 -10.48
CA PHE B 54 25.52 -19.32 -11.81
C PHE B 54 26.48 -19.97 -12.78
N GLY B 55 27.43 -20.72 -12.23
CA GLY B 55 28.48 -21.30 -13.03
C GLY B 55 29.62 -20.31 -13.03
N TYR B 56 29.34 -19.11 -12.50
CA TYR B 56 30.33 -18.05 -12.37
C TYR B 56 30.16 -17.43 -10.98
N PRO B 57 31.24 -16.86 -10.41
CA PRO B 57 31.11 -16.10 -9.16
C PRO B 57 30.17 -14.90 -9.31
N SER B 58 29.41 -14.55 -8.27
CA SER B 58 28.48 -13.42 -8.35
C SER B 58 28.62 -12.35 -7.29
N TRP B 59 28.33 -11.12 -7.69
CA TRP B 59 28.39 -10.01 -6.77
C TRP B 59 27.08 -9.19 -6.88
N MET B 60 26.63 -8.66 -5.75
CA MET B 60 25.41 -7.87 -5.71
C MET B 60 25.73 -6.45 -5.27
N TYR B 61 25.13 -5.47 -5.95
CA TYR B 61 25.40 -4.08 -5.63
C TYR B 61 24.14 -3.22 -5.72
N LYS B 62 24.13 -2.16 -4.93
CA LYS B 62 23.15 -1.09 -5.06
C LYS B 62 23.81 0.13 -5.68
N ALA B 63 23.21 0.66 -6.73
CA ALA B 63 23.79 1.78 -7.45
C ALA B 63 22.76 2.81 -7.90
N GLN B 64 23.22 4.04 -8.05
CA GLN B 64 22.38 5.15 -8.49
C GLN B 64 22.52 5.33 -9.99
N ASN B 65 21.41 5.55 -10.70
CA ASN B 65 21.47 5.79 -12.14
C ASN B 65 21.93 7.21 -12.39
N ASN B 66 22.91 7.40 -13.28
CA ASN B 66 23.41 8.75 -13.55
C ASN B 66 22.40 9.68 -14.20
N LYS B 67 21.47 9.13 -14.97
CA LYS B 67 20.56 9.96 -15.74
C LYS B 67 19.34 10.31 -14.84
N ASN B 68 18.73 9.35 -14.15
CA ASN B 68 17.54 9.69 -13.32
C ASN B 68 17.75 9.72 -11.79
N GLY B 69 18.90 9.25 -11.32
CA GLY B 69 19.23 9.36 -9.90
C GLY B 69 18.55 8.35 -8.97
N ARG B 70 17.72 7.45 -9.50
CA ARG B 70 17.05 6.46 -8.65
C ARG B 70 18.03 5.31 -8.42
N HIS B 71 17.75 4.53 -7.38
CA HIS B 71 18.60 3.43 -7.00
C HIS B 71 18.20 2.14 -7.70
N PHE B 72 19.18 1.37 -8.17
CA PHE B 72 18.85 0.08 -8.80
C PHE B 72 19.76 -1.02 -8.25
N ALA B 73 19.38 -2.27 -8.47
CA ALA B 73 20.24 -3.38 -8.06
C ALA B 73 21.00 -3.96 -9.26
N LEU B 74 22.29 -4.21 -9.10
CA LEU B 74 23.08 -4.79 -10.17
C LEU B 74 23.62 -6.15 -9.73
N ARG B 75 23.29 -7.19 -10.49
CA ARG B 75 23.88 -8.50 -10.23
C ARG B 75 25.01 -8.64 -11.23
N ARG B 76 26.22 -8.76 -10.71
CA ARG B 76 27.42 -8.88 -11.51
C ARG B 76 27.87 -10.32 -11.59
N ILE B 77 28.09 -10.78 -12.82
CA ILE B 77 28.62 -12.12 -13.06
C ILE B 77 30.11 -12.07 -13.44
N GLU B 78 30.96 -12.53 -12.52
CA GLU B 78 32.42 -12.42 -12.63
C GLU B 78 33.02 -13.38 -13.66
N GLY B 79 33.96 -12.88 -14.47
CA GLY B 79 34.69 -13.68 -15.42
C GLY B 79 33.90 -14.04 -16.67
N TYR B 80 33.05 -13.14 -17.11
CA TYR B 80 32.23 -13.41 -18.28
C TYR B 80 32.54 -12.51 -19.48
N ARG B 81 32.95 -13.12 -20.59
CA ARG B 81 33.22 -12.40 -21.84
C ARG B 81 32.08 -12.64 -22.84
N LEU B 82 31.59 -11.54 -23.44
CA LEU B 82 30.53 -11.61 -24.44
C LEU B 82 31.05 -12.21 -25.73
N THR B 83 30.44 -13.32 -26.14
CA THR B 83 30.80 -13.97 -27.39
C THR B 83 29.71 -13.86 -28.46
N ASN B 84 28.61 -13.17 -28.14
CA ASN B 84 27.47 -13.06 -29.04
C ASN B 84 26.49 -11.98 -28.57
N GLU B 85 26.30 -10.94 -29.38
CA GLU B 85 25.41 -9.88 -28.95
C GLU B 85 23.92 -10.34 -28.99
N LYS B 86 23.64 -11.48 -29.62
CA LYS B 86 22.28 -12.04 -29.57
C LYS B 86 21.86 -12.57 -28.19
N ALA B 87 22.83 -12.99 -27.39
CA ALA B 87 22.53 -13.65 -26.11
C ALA B 87 21.96 -12.67 -25.10
N ILE B 88 22.32 -11.42 -25.23
CA ILE B 88 21.80 -10.36 -24.37
C ILE B 88 20.52 -9.80 -24.96
N LEU B 89 20.55 -9.55 -26.27
CA LEU B 89 19.42 -8.93 -26.94
C LEU B 89 18.21 -9.85 -27.10
N ASN B 90 18.41 -11.15 -27.26
CA ASN B 90 17.28 -12.05 -27.48
C ASN B 90 16.57 -12.44 -26.19
N VAL B 91 17.23 -12.13 -25.07
CA VAL B 91 16.70 -12.45 -23.75
C VAL B 91 16.06 -11.25 -23.07
N THR B 92 16.75 -10.12 -23.08
CA THR B 92 16.25 -8.93 -22.40
C THR B 92 15.03 -8.37 -23.15
N LYS B 93 14.91 -8.69 -24.42
CA LYS B 93 13.76 -8.23 -25.18
C LYS B 93 12.48 -8.87 -24.70
N GLU B 94 12.60 -10.10 -24.19
CA GLU B 94 11.45 -10.83 -23.69
C GLU B 94 11.18 -10.62 -22.19
N TRP B 95 12.25 -10.65 -21.42
CA TRP B 95 12.15 -10.49 -19.98
C TRP B 95 11.84 -9.06 -19.49
N LYS B 96 12.28 -8.04 -20.23
CA LYS B 96 12.02 -6.64 -19.85
C LYS B 96 10.54 -6.31 -19.85
N LYS B 97 9.83 -6.98 -20.73
CA LYS B 97 8.39 -6.82 -20.92
C LYS B 97 7.56 -7.38 -19.78
N ILE B 98 8.11 -8.38 -19.09
CA ILE B 98 7.41 -9.09 -18.03
C ILE B 98 7.38 -8.28 -16.75
N ILE B 99 6.17 -7.82 -16.39
CA ILE B 99 5.97 -7.11 -15.15
C ILE B 99 5.06 -7.85 -14.19
N ASN B 100 5.63 -8.28 -13.07
CA ASN B 100 4.90 -9.10 -12.11
C ASN B 100 5.24 -8.78 -10.67
N ALA B 101 4.28 -8.90 -9.77
CA ALA B 101 4.49 -8.49 -8.39
C ALA B 101 5.43 -9.44 -7.65
N ASN B 102 5.61 -10.65 -8.20
CA ASN B 102 6.51 -11.63 -7.59
C ASN B 102 7.75 -11.93 -8.43
N ILE B 103 8.07 -11.02 -9.35
CA ILE B 103 9.26 -11.17 -10.17
C ILE B 103 9.99 -9.85 -10.13
N VAL B 104 11.27 -9.88 -9.78
CA VAL B 104 12.06 -8.68 -9.83
C VAL B 104 12.31 -8.29 -11.28
N THR B 105 11.76 -7.14 -11.66
CA THR B 105 11.84 -6.66 -13.03
C THR B 105 13.26 -6.38 -13.50
N VAL B 106 13.61 -6.94 -14.65
CA VAL B 106 14.90 -6.66 -15.28
C VAL B 106 14.77 -5.65 -16.42
N HIS B 107 15.74 -4.74 -16.53
CA HIS B 107 15.69 -3.65 -17.51
C HIS B 107 16.64 -3.88 -18.68
N GLU B 108 17.90 -4.19 -18.40
CA GLU B 108 18.85 -4.41 -19.48
C GLU B 108 20.07 -5.22 -19.04
N ALA B 109 20.88 -5.62 -20.00
CA ALA B 109 22.11 -6.31 -19.70
C ALA B 109 23.24 -5.82 -20.59
N PHE B 110 24.38 -5.59 -19.97
CA PHE B 110 25.56 -5.10 -20.64
C PHE B 110 26.85 -5.55 -19.98
N THR B 111 27.91 -5.61 -20.77
CA THR B 111 29.25 -5.95 -20.32
C THR B 111 30.04 -4.69 -19.96
N THR B 112 31.03 -4.85 -19.10
CA THR B 112 31.88 -3.75 -18.66
C THR B 112 33.25 -4.31 -18.31
N GLU B 113 34.24 -3.42 -18.33
CA GLU B 113 35.62 -3.80 -18.06
C GLU B 113 36.19 -3.08 -16.86
N PHE B 114 35.34 -2.29 -16.23
CA PHE B 114 35.73 -1.46 -15.10
C PHE B 114 36.06 -2.21 -13.82
N PHE B 115 35.71 -3.48 -13.71
CA PHE B 115 36.03 -4.23 -12.51
C PHE B 115 37.44 -4.81 -12.56
N GLY B 116 38.20 -4.39 -13.54
CA GLY B 116 39.58 -4.84 -13.74
C GLY B 116 39.55 -6.23 -14.35
N ASP B 117 38.38 -6.58 -14.91
CA ASP B 117 38.15 -7.86 -15.58
C ASP B 117 36.95 -7.76 -16.56
N SER B 118 36.50 -8.93 -16.99
CA SER B 118 35.30 -9.05 -17.81
C SER B 118 34.05 -9.48 -17.07
N SER B 119 33.13 -8.55 -16.85
CA SER B 119 31.91 -8.86 -16.11
C SER B 119 30.65 -8.57 -16.94
N LEU B 120 29.63 -9.39 -16.77
CA LEU B 120 28.33 -9.15 -17.39
C LEU B 120 27.44 -8.58 -16.29
N ILE B 121 26.74 -7.49 -16.61
CA ILE B 121 25.95 -6.82 -15.60
C ILE B 121 24.45 -6.79 -15.92
N PHE B 122 23.65 -7.30 -14.99
CA PHE B 122 22.19 -7.20 -15.06
C PHE B 122 21.61 -6.20 -14.07
N VAL B 123 20.64 -5.42 -14.54
CA VAL B 123 19.95 -4.46 -13.68
C VAL B 123 18.51 -4.88 -13.37
N TYR B 124 18.20 -4.82 -12.08
CA TYR B 124 16.90 -5.22 -11.59
C TYR B 124 16.35 -4.02 -10.83
N ASP B 125 15.07 -4.04 -10.52
CA ASP B 125 14.49 -3.09 -9.58
C ASP B 125 15.16 -3.27 -8.23
N PHE B 126 15.45 -2.17 -7.53
CA PHE B 126 16.02 -2.26 -6.20
C PHE B 126 14.94 -2.25 -5.12
N HIS B 127 14.87 -3.33 -4.35
CA HIS B 127 13.93 -3.48 -3.25
C HIS B 127 14.60 -3.40 -1.87
N PRO B 128 14.51 -2.26 -1.16
CA PRO B 128 15.26 -2.15 0.10
C PRO B 128 14.90 -3.23 1.15
N LEU B 129 15.91 -3.64 1.94
CA LEU B 129 15.78 -4.58 3.04
C LEU B 129 15.38 -6.02 2.56
N SER B 130 15.57 -6.31 1.27
CA SER B 130 15.25 -7.65 0.79
C SER B 130 16.37 -8.56 1.30
N GLU B 131 16.00 -9.74 1.78
CA GLU B 131 16.95 -10.77 2.17
C GLU B 131 16.53 -12.10 1.55
N THR B 132 17.50 -12.95 1.20
CA THR B 132 17.13 -14.21 0.56
C THR B 132 16.29 -15.09 1.47
N LEU B 133 15.33 -15.76 0.85
CA LEU B 133 14.40 -16.63 1.57
C LEU B 133 15.19 -17.68 2.35
N TYR B 134 16.36 -18.07 1.84
CA TYR B 134 17.24 -18.99 2.54
C TYR B 134 17.79 -18.46 3.85
N ASP B 135 18.47 -17.33 3.76
CA ASP B 135 19.12 -16.69 4.90
C ASP B 135 18.07 -16.29 5.91
N HIS B 136 16.86 -16.04 5.42
CA HIS B 136 15.77 -15.58 6.25
C HIS B 136 15.19 -16.69 7.09
N HIS B 137 15.08 -17.87 6.52
CA HIS B 137 14.52 -18.97 7.28
C HIS B 137 15.66 -19.82 7.83
N PHE B 138 16.89 -19.54 7.37
CA PHE B 138 18.05 -20.25 7.91
C PHE B 138 19.26 -19.31 8.17
N PRO B 139 19.26 -18.60 9.30
CA PRO B 139 20.22 -17.55 9.73
C PRO B 139 21.69 -18.02 9.82
N PRO B 140 22.66 -17.08 9.71
CA PRO B 140 24.05 -17.45 9.99
C PRO B 140 24.24 -17.96 11.41
N ASN B 141 23.87 -19.21 11.62
CA ASN B 141 24.12 -19.87 12.89
C ASN B 141 24.40 -21.38 12.76
N ASN B 151 12.27 -25.73 15.46
CA ASN B 151 11.19 -24.79 15.19
C ASN B 151 10.53 -25.07 13.86
N LYS B 152 9.46 -24.34 13.55
CA LYS B 152 8.71 -24.57 12.32
C LYS B 152 8.02 -23.32 11.81
N ILE B 153 7.86 -23.26 10.49
CA ILE B 153 7.19 -22.14 9.84
C ILE B 153 5.67 -22.34 9.80
N PRO B 154 4.89 -21.27 10.12
CA PRO B 154 3.43 -21.37 10.04
C PRO B 154 3.00 -21.78 8.63
N GLU B 155 1.93 -22.57 8.53
CA GLU B 155 1.47 -23.13 7.27
C GLU B 155 0.90 -22.03 6.37
N ASN B 156 0.32 -21.02 7.02
CA ASN B 156 -0.27 -19.88 6.35
C ASN B 156 0.76 -19.16 5.52
N LEU B 157 1.97 -19.05 6.08
CA LEU B 157 3.08 -18.39 5.42
C LEU B 157 3.56 -19.21 4.23
N LEU B 158 3.48 -20.52 4.40
CA LEU B 158 3.85 -21.46 3.35
C LEU B 158 2.88 -21.36 2.17
N TRP B 159 1.60 -21.20 2.49
CA TRP B 159 0.59 -21.02 1.46
C TRP B 159 0.73 -19.66 0.78
N SER B 160 1.24 -18.69 1.53
CA SER B 160 1.50 -17.36 1.00
C SER B 160 2.58 -17.45 -0.06
N TYR B 161 3.56 -18.31 0.20
CA TYR B 161 4.64 -18.51 -0.74
C TYR B 161 4.20 -19.22 -2.02
N VAL B 162 3.37 -20.24 -1.86
CA VAL B 162 2.88 -21.02 -3.00
C VAL B 162 2.07 -20.19 -4.00
N CYS B 163 1.20 -19.35 -3.46
CA CYS B 163 0.33 -18.48 -4.24
C CYS B 163 1.11 -17.42 -5.01
N GLN B 164 2.12 -16.87 -4.36
CA GLN B 164 2.92 -15.81 -4.95
C GLN B 164 3.75 -16.36 -6.08
N ILE B 165 4.31 -17.55 -5.87
CA ILE B 165 5.11 -18.21 -6.88
C ILE B 165 4.21 -18.67 -8.03
N ALA B 166 3.01 -19.13 -7.70
CA ALA B 166 2.06 -19.53 -8.73
C ALA B 166 1.72 -18.33 -9.61
N ASN B 167 1.53 -17.17 -9.00
CA ASN B 167 1.26 -15.96 -9.77
C ASN B 167 2.37 -15.62 -10.76
N ALA B 168 3.62 -15.82 -10.33
CA ALA B 168 4.77 -15.53 -11.19
C ALA B 168 4.87 -16.48 -12.38
N LEU B 169 4.77 -17.78 -12.09
CA LEU B 169 4.87 -18.81 -13.14
C LEU B 169 3.77 -18.69 -14.15
N LEU B 170 2.58 -18.26 -13.75
CA LEU B 170 1.47 -18.11 -14.68
C LEU B 170 1.88 -17.11 -15.78
N ALA B 171 2.44 -15.97 -15.36
CA ALA B 171 2.86 -14.90 -16.26
C ALA B 171 4.09 -15.25 -17.13
N ILE B 172 5.08 -15.89 -16.55
CA ILE B 172 6.32 -16.26 -17.26
C ILE B 172 5.90 -17.20 -18.37
N HIS B 173 5.12 -18.19 -17.96
CA HIS B 173 4.62 -19.25 -18.81
C HIS B 173 3.71 -18.59 -19.86
N ASN B 174 2.98 -17.52 -19.53
CA ASN B 174 2.14 -16.91 -20.56
C ASN B 174 2.98 -16.23 -21.65
N ALA B 175 4.28 -16.09 -21.39
CA ALA B 175 5.22 -15.56 -22.37
C ALA B 175 6.05 -16.63 -23.09
N LYS B 176 5.64 -17.91 -23.03
CA LYS B 176 6.44 -18.98 -23.64
C LYS B 176 7.86 -18.94 -23.07
N LEU B 177 7.96 -18.74 -21.77
CA LEU B 177 9.27 -18.71 -21.13
C LEU B 177 9.32 -19.58 -19.88
N ALA B 178 10.46 -19.58 -19.21
CA ALA B 178 10.59 -20.35 -17.99
C ALA B 178 11.49 -19.64 -17.01
N ALA B 179 11.29 -19.93 -15.72
CA ALA B 179 12.08 -19.31 -14.67
C ALA B 179 13.54 -19.73 -14.69
N ARG B 180 13.79 -21.03 -14.89
CA ARG B 180 15.14 -21.61 -14.95
C ARG B 180 15.77 -21.56 -13.56
N CYS B 181 15.96 -20.35 -13.04
CA CYS B 181 16.53 -20.19 -11.71
C CYS B 181 15.43 -19.99 -10.66
N LEU B 182 15.16 -21.07 -9.93
CA LEU B 182 14.10 -21.09 -8.93
C LEU B 182 14.61 -21.78 -7.67
N GLU B 183 15.33 -21.01 -6.85
CA GLU B 183 15.93 -21.55 -5.63
C GLU B 183 15.84 -20.56 -4.49
N LEU B 184 16.09 -21.08 -3.29
CA LEU B 184 15.95 -20.34 -2.05
C LEU B 184 16.81 -19.10 -2.07
N SER B 185 18.02 -19.20 -2.62
CA SER B 185 18.92 -18.06 -2.58
C SER B 185 18.62 -16.96 -3.60
N LYS B 186 17.83 -17.28 -4.61
CA LYS B 186 17.46 -16.35 -5.69
C LYS B 186 16.01 -15.87 -5.62
N ILE B 187 15.43 -15.96 -4.44
CA ILE B 187 14.11 -15.38 -4.20
C ILE B 187 14.28 -14.42 -3.03
N ILE B 188 13.87 -13.17 -3.23
CA ILE B 188 14.04 -12.19 -2.16
C ILE B 188 12.79 -12.00 -1.30
N TRP B 189 13.04 -11.92 0.01
CA TRP B 189 11.99 -11.78 1.00
C TRP B 189 12.02 -10.40 1.64
N GLU B 190 10.83 -9.82 1.83
CA GLU B 190 10.74 -8.52 2.47
C GLU B 190 9.34 -8.36 3.04
N ASN B 191 9.22 -8.55 4.35
CA ASN B 191 7.92 -8.53 5.02
C ASN B 191 6.88 -9.49 4.40
N ASN B 192 7.26 -10.77 4.32
CA ASN B 192 6.43 -11.86 3.79
C ASN B 192 6.04 -11.75 2.30
N ARG B 193 6.61 -10.76 1.62
CA ARG B 193 6.49 -10.66 0.17
C ARG B 193 7.75 -11.24 -0.49
N ILE B 194 7.56 -12.22 -1.36
CA ILE B 194 8.69 -12.85 -2.04
C ILE B 194 8.64 -12.54 -3.54
N ARG B 195 9.82 -12.46 -4.16
CA ARG B 195 9.94 -12.13 -5.57
C ARG B 195 11.02 -13.02 -6.22
N LEU B 196 10.84 -13.42 -7.48
CA LEU B 196 11.92 -14.09 -8.21
C LEU B 196 12.97 -13.05 -8.61
N ALA B 197 14.20 -13.24 -8.14
CA ALA B 197 15.22 -12.20 -8.26
C ALA B 197 16.44 -12.54 -9.12
N ALA B 198 16.32 -13.54 -9.97
CA ALA B 198 17.47 -13.96 -10.78
C ALA B 198 17.01 -14.27 -12.18
N CYS B 199 15.87 -13.71 -12.54
CA CYS B 199 15.28 -13.98 -13.84
C CYS B 199 16.10 -13.44 -15.02
N SER B 200 15.97 -14.10 -16.17
CA SER B 200 16.63 -13.71 -17.43
C SER B 200 18.14 -13.99 -17.48
N ILE B 201 18.71 -14.41 -16.36
CA ILE B 201 20.15 -14.62 -16.32
C ILE B 201 20.56 -15.94 -17.01
N LEU B 202 19.98 -17.08 -16.63
CA LEU B 202 20.35 -18.35 -17.26
C LEU B 202 19.93 -18.39 -18.74
N ASP B 203 18.91 -17.61 -19.09
CA ASP B 203 18.45 -17.43 -20.47
C ASP B 203 19.56 -16.93 -21.38
N VAL B 204 20.45 -16.11 -20.83
CA VAL B 204 21.54 -15.49 -21.57
C VAL B 204 22.78 -16.37 -21.60
N LEU B 205 23.13 -16.92 -20.45
CA LEU B 205 24.34 -17.72 -20.27
C LEU B 205 24.26 -19.04 -21.03
N HIS B 206 23.08 -19.36 -21.57
CA HIS B 206 22.94 -20.64 -22.28
C HIS B 206 22.49 -20.57 -23.74
N HIS B 207 23.44 -20.88 -24.63
CA HIS B 207 23.27 -20.73 -26.08
C HIS B 207 24.40 -21.46 -26.81
N LYS B 213 17.78 -27.31 -26.30
CA LYS B 213 16.97 -27.71 -25.14
C LYS B 213 15.66 -26.93 -25.13
N THR B 214 14.53 -27.62 -25.14
CA THR B 214 13.23 -26.94 -25.13
C THR B 214 12.72 -26.31 -23.82
N ILE B 215 11.91 -25.27 -23.98
CA ILE B 215 11.26 -24.48 -22.91
C ILE B 215 10.26 -25.22 -22.04
N GLU B 216 9.66 -26.27 -22.58
CA GLU B 216 8.62 -27.03 -21.89
C GLU B 216 9.22 -27.90 -20.82
N GLU B 217 10.36 -28.51 -21.11
CA GLU B 217 11.00 -29.35 -20.12
C GLU B 217 11.58 -28.47 -19.01
N LEU B 218 12.03 -27.28 -19.39
CA LEU B 218 12.51 -26.28 -18.45
C LEU B 218 11.36 -25.79 -17.58
N GLN B 219 10.20 -25.67 -18.20
CA GLN B 219 8.97 -25.30 -17.51
C GLN B 219 8.56 -26.38 -16.52
N GLN B 220 8.85 -27.63 -16.86
CA GLN B 220 8.52 -28.73 -15.98
C GLN B 220 9.45 -28.74 -14.76
N GLU B 221 10.70 -28.37 -14.98
CA GLU B 221 11.70 -28.27 -13.91
C GLU B 221 11.30 -27.15 -12.95
N ASP B 222 10.61 -26.16 -13.49
CA ASP B 222 10.11 -25.05 -12.70
C ASP B 222 9.22 -25.59 -11.58
N PHE B 223 8.29 -26.45 -11.95
CA PHE B 223 7.35 -27.05 -11.01
C PHE B 223 8.12 -27.86 -9.97
N VAL B 224 9.19 -28.51 -10.42
CA VAL B 224 10.04 -29.33 -9.57
C VAL B 224 10.85 -28.47 -8.58
N LYS B 225 11.45 -27.40 -9.08
CA LYS B 225 12.20 -26.48 -8.21
C LYS B 225 11.29 -25.77 -7.23
N PHE B 226 10.07 -25.50 -7.69
CA PHE B 226 9.02 -24.92 -6.88
C PHE B 226 8.82 -25.83 -5.67
N GLY B 227 8.52 -27.09 -5.94
CA GLY B 227 8.26 -28.05 -4.88
C GLY B 227 9.37 -28.23 -3.86
N ARG B 228 10.63 -28.28 -4.30
CA ARG B 228 11.71 -28.52 -3.35
C ARG B 228 11.90 -27.34 -2.41
N ILE B 229 11.67 -26.13 -2.92
CA ILE B 229 11.81 -24.93 -2.12
C ILE B 229 10.84 -24.91 -0.94
N ILE B 230 9.57 -25.18 -1.23
CA ILE B 230 8.53 -25.18 -0.20
C ILE B 230 8.77 -26.35 0.74
N LEU B 231 9.09 -27.51 0.16
CA LEU B 231 9.38 -28.71 0.93
C LEU B 231 10.53 -28.50 1.91
N ALA B 232 11.53 -27.76 1.46
CA ALA B 232 12.69 -27.45 2.28
C ALA B 232 12.28 -26.61 3.48
N LEU B 233 11.42 -25.62 3.25
CA LEU B 233 10.96 -24.74 4.30
C LEU B 233 10.07 -25.44 5.32
N ALA B 234 9.24 -26.35 4.84
CA ALA B 234 8.30 -27.08 5.70
C ALA B 234 9.01 -28.10 6.60
N THR B 235 10.08 -28.70 6.09
CA THR B 235 10.79 -29.75 6.82
C THR B 235 12.01 -29.18 7.54
N ASN B 236 12.17 -27.86 7.40
CA ASN B 236 13.28 -27.10 7.97
C ASN B 236 14.69 -27.65 7.63
N THR B 237 14.88 -28.05 6.38
CA THR B 237 16.19 -28.51 5.88
C THR B 237 16.65 -27.75 4.63
N PRO B 238 17.65 -26.84 4.78
CA PRO B 238 18.20 -25.94 3.74
C PRO B 238 18.70 -26.66 2.49
N THR B 239 19.62 -27.60 2.68
CA THR B 239 20.16 -28.45 1.61
C THR B 239 19.23 -29.65 1.36
N LEU B 240 19.00 -29.91 0.08
CA LEU B 240 18.08 -30.95 -0.37
C LEU B 240 18.74 -32.06 -1.18
N ASN B 241 18.37 -33.27 -0.82
CA ASN B 241 18.96 -34.47 -1.38
C ASN B 241 17.98 -35.23 -2.24
N PHE B 242 18.54 -36.13 -3.03
CA PHE B 242 17.77 -36.85 -4.04
C PHE B 242 16.89 -37.94 -3.44
N ASN B 243 17.41 -38.44 -2.33
CA ASN B 243 16.88 -39.54 -1.53
C ASN B 243 15.72 -39.26 -0.59
N ASN B 244 15.41 -37.98 -0.38
CA ASN B 244 14.34 -37.72 0.57
C ASN B 244 13.23 -36.94 -0.04
N ILE B 245 13.06 -37.09 -1.35
CA ILE B 245 11.96 -36.44 -2.02
C ILE B 245 10.70 -37.12 -1.52
N ASP B 246 10.82 -38.39 -1.09
CA ASP B 246 9.68 -39.11 -0.54
C ASP B 246 9.74 -39.22 0.99
N ALA B 247 10.96 -39.14 1.54
CA ALA B 247 11.18 -39.21 2.98
C ALA B 247 10.79 -37.94 3.70
N ALA B 248 11.23 -36.82 3.15
CA ALA B 248 10.91 -35.53 3.71
C ALA B 248 9.46 -35.17 3.43
N LEU B 249 8.85 -35.83 2.44
CA LEU B 249 7.45 -35.60 2.10
C LEU B 249 6.53 -36.17 3.19
N ALA B 250 7.06 -37.12 3.96
CA ALA B 250 6.28 -37.80 5.02
C ALA B 250 6.50 -37.22 6.42
N THR B 251 7.32 -36.18 6.51
CA THR B 251 7.61 -35.52 7.76
C THR B 251 6.63 -34.38 7.98
N ILE B 252 5.79 -34.09 6.98
CA ILE B 252 4.94 -32.90 6.99
C ILE B 252 3.50 -33.18 7.36
N VAL B 253 3.15 -34.47 7.41
CA VAL B 253 1.77 -34.87 7.65
C VAL B 253 1.31 -34.57 9.10
N PRO B 254 2.22 -34.66 10.10
CA PRO B 254 1.67 -34.32 11.41
C PRO B 254 1.71 -32.82 11.67
N ARG B 255 2.72 -32.13 11.15
CA ARG B 255 2.83 -30.70 11.42
C ARG B 255 1.89 -29.90 10.53
N TYR B 256 1.78 -30.32 9.27
CA TYR B 256 0.93 -29.62 8.31
C TYR B 256 -0.21 -30.47 7.77
N SER B 257 -1.16 -29.83 7.10
CA SER B 257 -2.34 -30.50 6.57
C SER B 257 -1.96 -31.43 5.43
N THR B 258 -2.82 -32.43 5.19
CA THR B 258 -2.59 -33.37 4.10
C THR B 258 -2.73 -32.69 2.75
N GLN B 259 -3.49 -31.59 2.70
CA GLN B 259 -3.67 -30.84 1.47
C GLN B 259 -2.32 -30.28 1.03
N LEU B 260 -1.58 -29.76 2.00
CA LEU B 260 -0.27 -29.18 1.76
C LEU B 260 0.70 -30.21 1.21
N ARG B 261 0.69 -31.37 1.84
CA ARG B 261 1.57 -32.47 1.45
C ARG B 261 1.20 -32.90 0.04
N GLY B 262 -0.11 -32.84 -0.26
CA GLY B 262 -0.63 -33.22 -1.56
C GLY B 262 -0.20 -32.34 -2.72
N VAL B 263 -0.13 -31.04 -2.48
CA VAL B 263 0.30 -30.05 -3.48
C VAL B 263 1.79 -30.20 -3.72
N LEU B 264 2.54 -30.33 -2.65
CA LEU B 264 3.99 -30.51 -2.72
C LEU B 264 4.29 -31.76 -3.51
N GLU B 265 3.52 -32.81 -3.25
CA GLU B 265 3.71 -34.07 -3.96
C GLU B 265 3.46 -33.90 -5.45
N TRP B 266 2.40 -33.18 -5.81
CA TRP B 266 2.06 -32.94 -7.21
C TRP B 266 3.11 -32.12 -7.99
N LEU B 267 3.70 -31.10 -7.36
CA LEU B 267 4.66 -30.22 -8.02
C LEU B 267 6.01 -30.89 -8.27
N ILE B 268 6.43 -31.64 -7.26
CA ILE B 268 7.73 -32.28 -7.20
C ILE B 268 7.77 -33.56 -8.04
N LYS B 269 6.74 -34.41 -7.94
CA LYS B 269 6.75 -35.67 -8.66
C LYS B 269 6.69 -35.37 -10.17
N PRO B 270 7.49 -36.13 -10.95
CA PRO B 270 7.58 -36.01 -12.41
C PRO B 270 6.42 -36.37 -13.33
N SER B 271 5.78 -37.52 -13.15
CA SER B 271 5.19 -38.20 -14.31
C SER B 271 4.23 -37.39 -15.19
N ALA B 272 3.08 -37.02 -14.65
CA ALA B 272 2.04 -36.33 -15.43
C ALA B 272 1.85 -36.91 -16.85
N PRO B 273 1.73 -38.24 -16.94
CA PRO B 273 1.90 -39.22 -18.03
C PRO B 273 1.18 -38.94 -19.36
N GLY B 274 -0.05 -38.45 -19.26
CA GLY B 274 -0.90 -38.14 -20.39
C GLY B 274 -1.30 -36.69 -20.52
N GLU B 275 -1.03 -35.94 -19.44
CA GLU B 275 -1.37 -34.54 -19.34
C GLU B 275 -0.46 -33.97 -18.24
N THR B 276 0.60 -33.37 -18.80
CA THR B 276 1.72 -32.67 -18.20
C THR B 276 1.38 -31.43 -17.39
N LYS B 277 2.17 -31.18 -16.35
CA LYS B 277 1.88 -30.15 -15.36
C LYS B 277 1.79 -28.74 -15.92
N THR B 278 0.71 -28.06 -15.58
CA THR B 278 0.51 -26.68 -16.02
C THR B 278 0.08 -25.86 -14.81
N VAL B 279 0.32 -24.55 -14.86
CA VAL B 279 -0.08 -23.66 -13.78
C VAL B 279 -1.59 -23.52 -13.57
N GLU B 280 -2.35 -23.55 -14.67
CA GLU B 280 -3.80 -23.41 -14.63
C GLU B 280 -4.51 -24.54 -13.87
N THR B 281 -3.93 -25.72 -13.94
CA THR B 281 -4.45 -26.91 -13.25
C THR B 281 -4.12 -26.89 -11.76
N LEU B 282 -3.02 -26.23 -11.42
CA LEU B 282 -2.56 -26.12 -10.03
C LEU B 282 -3.47 -25.19 -9.23
N LEU B 283 -4.02 -24.18 -9.88
CA LEU B 283 -4.83 -23.13 -9.25
C LEU B 283 -6.01 -23.72 -8.51
N GLY B 284 -6.76 -24.62 -9.14
CA GLY B 284 -7.91 -25.21 -8.46
C GLY B 284 -7.37 -25.93 -7.24
N GLY B 285 -6.12 -26.36 -7.32
CA GLY B 285 -5.41 -27.01 -6.22
C GLY B 285 -5.20 -25.96 -5.13
N ILE B 286 -4.96 -24.72 -5.54
CA ILE B 286 -4.78 -23.61 -4.61
C ILE B 286 -6.08 -23.18 -3.93
N THR B 287 -7.08 -22.83 -4.73
CA THR B 287 -8.48 -22.59 -4.33
C THR B 287 -8.63 -21.49 -3.28
N THR B 288 -9.06 -21.88 -2.08
CA THR B 288 -9.35 -20.91 -1.06
C THR B 288 -8.12 -20.12 -0.67
N HIS B 289 -6.93 -20.74 -0.77
CA HIS B 289 -5.76 -19.98 -0.37
C HIS B 289 -5.52 -18.88 -1.36
N LEU B 290 -5.96 -19.03 -2.61
CA LEU B 290 -5.81 -17.92 -3.52
C LEU B 290 -6.81 -16.83 -3.16
N ALA B 291 -8.02 -17.25 -2.79
CA ALA B 291 -9.04 -16.30 -2.36
C ALA B 291 -8.65 -15.65 -1.04
N ASN B 292 -8.19 -16.49 -0.11
CA ASN B 292 -7.75 -16.07 1.22
C ASN B 292 -6.57 -15.12 1.09
N PHE B 293 -5.65 -15.49 0.21
CA PHE B 293 -4.46 -14.71 -0.04
C PHE B 293 -4.88 -13.37 -0.60
N ALA B 294 -5.73 -13.38 -1.62
CA ALA B 294 -6.19 -12.12 -2.20
C ALA B 294 -6.81 -11.28 -1.08
N ASN B 295 -7.52 -11.92 -0.15
CA ASN B 295 -8.10 -11.19 0.97
C ASN B 295 -7.02 -10.52 1.82
N PHE B 296 -5.94 -11.26 2.11
CA PHE B 296 -4.83 -10.74 2.92
C PHE B 296 -4.08 -9.56 2.36
N VAL B 297 -3.79 -9.58 1.06
CA VAL B 297 -3.05 -8.50 0.45
C VAL B 297 -3.96 -7.26 0.55
N MET B 298 -5.26 -7.46 0.32
CA MET B 298 -6.25 -6.39 0.44
C MET B 298 -6.33 -5.80 1.86
N GLN B 299 -6.25 -6.64 2.88
CA GLN B 299 -6.33 -6.15 4.27
C GLN B 299 -5.08 -5.30 4.48
N GLU B 300 -3.99 -5.75 3.86
CA GLU B 300 -2.73 -5.04 3.95
C GLU B 300 -2.70 -3.74 3.17
N SER B 301 -3.34 -3.73 2.00
CA SER B 301 -3.43 -2.51 1.22
C SER B 301 -4.29 -1.47 1.91
N ASP B 302 -5.31 -1.95 2.62
CA ASP B 302 -6.20 -1.10 3.41
C ASP B 302 -5.51 -0.49 4.61
N GLU B 303 -4.68 -1.27 5.29
CA GLU B 303 -3.97 -0.79 6.47
C GLU B 303 -2.97 0.30 6.12
N LYS B 304 -2.40 0.19 4.91
CA LYS B 304 -1.47 1.19 4.42
C LYS B 304 -2.21 2.49 4.07
N GLU B 305 -3.47 2.35 3.69
CA GLU B 305 -4.30 3.48 3.30
C GLU B 305 -4.57 4.38 4.50
N PHE B 306 -4.90 3.81 5.66
CA PHE B 306 -5.11 4.64 6.84
C PHE B 306 -3.77 5.19 7.33
N HIS B 307 -2.71 4.41 7.19
CA HIS B 307 -1.37 4.84 7.59
C HIS B 307 -0.85 5.98 6.74
N LEU B 308 -1.24 5.97 5.47
CA LEU B 308 -0.87 7.01 4.53
C LEU B 308 -1.48 8.36 4.93
N MET B 309 -2.78 8.39 5.14
CA MET B 309 -3.54 9.60 5.42
C MET B 309 -2.95 10.38 6.63
N ARG B 310 -2.52 9.61 7.62
CA ARG B 310 -1.88 10.10 8.84
C ARG B 310 -0.53 10.76 8.56
N GLU B 311 0.21 10.21 7.61
CA GLU B 311 1.54 10.73 7.26
C GLU B 311 1.42 11.97 6.41
N LEU B 312 0.26 12.16 5.80
CA LEU B 312 0.06 13.32 4.96
C LEU B 312 0.42 14.60 5.71
N GLU B 313 0.32 14.58 7.05
CA GLU B 313 0.70 15.72 7.86
C GLU B 313 2.15 16.19 7.61
N ASN B 314 3.04 15.22 7.34
CA ASN B 314 4.45 15.53 7.06
C ASN B 314 4.57 16.45 5.86
N GLY B 315 3.75 16.15 4.87
CA GLY B 315 3.73 16.98 3.69
C GLY B 315 3.17 18.33 4.08
N ARG B 316 2.12 18.34 4.90
CA ARG B 316 1.53 19.61 5.31
C ARG B 316 2.47 20.42 6.21
N ILE B 317 3.21 19.71 7.07
CA ILE B 317 4.18 20.33 7.98
C ILE B 317 5.45 20.82 7.30
N ALA B 318 5.90 20.08 6.31
CA ALA B 318 7.11 20.41 5.59
C ALA B 318 6.85 21.62 4.71
N ARG B 319 5.64 21.66 4.16
CA ARG B 319 5.24 22.74 3.28
C ARG B 319 5.08 24.05 4.06
N LEU B 320 4.66 23.93 5.31
CA LEU B 320 4.58 25.06 6.23
C LEU B 320 5.95 25.64 6.55
N MET B 321 6.93 24.75 6.71
CA MET B 321 8.31 25.15 7.00
C MET B 321 8.98 25.85 5.83
N PHE B 322 8.56 25.48 4.63
CA PHE B 322 9.04 26.13 3.42
C PHE B 322 8.62 27.58 3.45
N LYS B 323 7.32 27.77 3.67
CA LYS B 323 6.71 29.09 3.73
C LYS B 323 7.35 29.94 4.82
N LEU B 324 7.46 29.37 6.01
CA LEU B 324 7.98 30.13 7.13
C LEU B 324 9.44 30.56 6.89
N SER B 325 10.24 29.69 6.28
CA SER B 325 11.66 30.00 6.03
C SER B 325 11.92 30.99 4.89
N VAL B 326 11.06 30.96 3.88
CA VAL B 326 11.17 31.88 2.74
C VAL B 326 10.83 33.28 3.28
N VAL B 327 9.79 33.38 4.08
CA VAL B 327 9.32 34.65 4.63
C VAL B 327 10.35 35.24 5.61
N ASN B 328 10.78 34.45 6.59
CA ASN B 328 11.71 34.89 7.66
C ASN B 328 13.07 35.41 7.16
N GLU B 329 13.54 36.50 7.77
CA GLU B 329 14.85 37.07 7.45
C GLU B 329 15.18 37.49 6.01
N ARG B 330 14.28 38.16 5.32
CA ARG B 330 14.60 38.56 3.95
C ARG B 330 15.07 40.00 3.97
N THR B 342 10.27 43.48 10.03
CA THR B 342 9.58 44.35 9.09
C THR B 342 8.07 44.06 9.00
N GLY B 343 7.22 44.89 9.62
CA GLY B 343 5.78 44.65 9.52
C GLY B 343 5.08 43.63 10.41
N GLU B 344 4.09 43.00 9.77
CA GLU B 344 3.28 41.91 10.30
C GLU B 344 4.11 40.65 10.28
N ARG B 345 5.19 40.69 9.50
CA ARG B 345 6.09 39.57 9.38
C ARG B 345 6.95 39.44 10.64
N LEU B 346 6.91 40.47 11.50
CA LEU B 346 7.66 40.44 12.77
C LEU B 346 7.18 39.41 13.73
N LEU B 347 5.89 39.15 13.66
CA LEU B 347 5.30 38.13 14.50
C LEU B 347 5.74 36.74 14.07
N LEU B 348 5.85 36.54 12.77
CA LEU B 348 6.33 35.29 12.18
C LEU B 348 7.78 35.04 12.59
N LYS B 349 8.55 36.11 12.67
CA LYS B 349 9.92 36.08 13.16
C LYS B 349 9.94 35.66 14.61
N LEU B 350 9.04 36.28 15.37
CA LEU B 350 8.90 36.02 16.79
C LEU B 350 8.37 34.60 17.02
N PHE B 351 7.59 34.12 16.05
CA PHE B 351 7.06 32.76 16.09
C PHE B 351 8.11 31.66 15.91
N ARG B 352 9.06 31.89 15.01
CA ARG B 352 10.16 30.94 14.78
C ARG B 352 11.05 30.80 16.01
N ASP B 353 11.34 31.93 16.66
CA ASP B 353 12.12 31.96 17.88
C ASP B 353 11.39 31.15 18.94
N TYR B 354 10.07 31.31 18.98
CA TYR B 354 9.24 30.58 19.92
C TYR B 354 9.33 29.09 19.69
N VAL B 355 9.34 28.69 18.43
CA VAL B 355 9.31 27.27 18.13
C VAL B 355 10.72 26.71 18.32
N PHE B 356 11.71 27.39 17.74
CA PHE B 356 13.04 26.79 17.66
C PHE B 356 14.16 27.40 18.52
N HIS B 357 14.00 28.62 19.04
CA HIS B 357 15.10 29.22 19.78
C HIS B 357 14.93 29.26 21.30
N GLN B 358 14.13 28.31 21.77
CA GLN B 358 13.79 28.08 23.18
C GLN B 358 15.09 27.64 23.89
N VAL B 359 15.43 28.25 25.02
CA VAL B 359 16.58 27.86 25.84
C VAL B 359 16.21 27.63 27.31
N ASP B 360 17.03 26.84 27.99
CA ASP B 360 16.80 26.51 29.40
C ASP B 360 17.26 27.69 30.25
N ALA B 361 17.09 27.61 31.57
CA ALA B 361 17.46 28.73 32.43
C ALA B 361 18.93 29.15 32.46
N ASP B 362 19.86 28.22 32.28
CA ASP B 362 21.25 28.64 32.31
C ASP B 362 21.66 29.28 31.00
N GLY B 363 20.80 29.18 29.99
CA GLY B 363 21.11 29.72 28.68
C GLY B 363 21.29 28.52 27.77
N LYS B 364 21.28 27.33 28.38
CA LYS B 364 21.43 26.10 27.62
C LYS B 364 20.17 25.90 26.78
N ALA B 365 20.36 25.33 25.58
CA ALA B 365 19.33 25.10 24.58
C ALA B 365 18.24 24.13 25.04
N ARG B 366 16.98 24.41 24.72
CA ARG B 366 15.91 23.47 25.09
C ARG B 366 15.45 22.77 23.85
N LEU B 367 16.32 21.89 23.40
CA LEU B 367 16.03 21.09 22.24
C LEU B 367 14.93 20.05 22.50
N ASP B 368 13.85 20.08 21.73
CA ASP B 368 12.74 19.17 21.91
C ASP B 368 12.07 19.11 20.59
N THR B 369 12.44 18.05 19.92
CA THR B 369 11.98 17.73 18.63
C THR B 369 10.47 17.64 18.67
N ASN B 370 9.94 17.11 19.77
CA ASN B 370 8.50 16.99 19.93
C ASN B 370 7.87 18.38 19.90
N HIS B 371 8.53 19.34 20.55
CA HIS B 371 8.04 20.73 20.59
C HIS B 371 7.94 21.32 19.18
N TYR B 372 8.95 21.03 18.37
CA TYR B 372 9.01 21.50 16.98
C TYR B 372 7.81 20.86 16.29
N LEU B 373 7.65 19.56 16.53
CA LEU B 373 6.60 18.77 15.94
C LEU B 373 5.24 19.29 16.37
N ASN B 374 5.06 19.51 17.67
CA ASN B 374 3.76 19.92 18.18
C ASN B 374 3.32 21.33 17.82
N CYS B 375 4.28 22.24 17.65
CA CYS B 375 3.97 23.59 17.18
C CYS B 375 3.42 23.57 15.78
N LEU B 376 4.10 22.83 14.94
CA LEU B 376 3.73 22.73 13.53
C LEU B 376 2.48 21.92 13.29
N SER B 377 2.23 20.97 14.18
CA SER B 377 0.98 20.22 14.11
C SER B 377 -0.17 21.20 14.33
N LYS B 378 0.01 22.06 15.33
CA LYS B 378 -0.95 23.08 15.72
C LYS B 378 -1.10 24.21 14.70
N LEU B 379 0.00 24.51 14.01
CA LEU B 379 0.02 25.53 12.95
C LEU B 379 -0.72 25.05 11.71
N ASP B 380 -0.57 23.77 11.44
CA ASP B 380 -1.20 23.15 10.28
C ASP B 380 -2.71 23.05 10.47
N ALA B 381 -3.13 22.75 11.70
CA ALA B 381 -4.55 22.63 12.03
C ALA B 381 -5.18 23.99 12.30
N SER B 382 -4.38 25.05 12.26
CA SER B 382 -4.84 26.39 12.59
C SER B 382 -5.44 26.32 13.99
N SER B 383 -4.74 25.65 14.89
CA SER B 383 -5.21 25.42 16.25
C SER B 383 -5.54 26.71 16.97
N GLU B 384 -6.57 26.66 17.79
CA GLU B 384 -7.00 27.83 18.53
C GLU B 384 -6.21 28.10 19.81
N GLU B 385 -5.32 27.18 20.16
CA GLU B 385 -4.50 27.35 21.35
C GLU B 385 -3.67 28.64 21.26
N GLN B 386 -3.48 29.31 22.38
CA GLN B 386 -2.77 30.60 22.32
C GLN B 386 -1.35 30.53 22.83
N ILE B 387 -0.52 31.43 22.32
CA ILE B 387 0.87 31.55 22.75
C ILE B 387 1.28 33.01 22.94
N LEU B 388 2.36 33.21 23.70
CA LEU B 388 2.91 34.52 24.01
C LEU B 388 4.18 34.76 23.19
N LEU B 389 4.16 35.83 22.40
CA LEU B 389 5.27 36.24 21.56
C LEU B 389 5.87 37.51 22.11
N THR B 390 7.01 37.36 22.78
CA THR B 390 7.74 38.52 23.31
C THR B 390 8.74 38.96 22.28
N SER B 391 8.80 40.28 22.02
CA SER B 391 9.79 40.77 21.06
C SER B 391 11.19 40.83 21.68
N ARG B 392 12.23 41.05 20.88
CA ARG B 392 13.56 41.18 21.49
C ARG B 392 13.56 42.37 22.44
N ASP B 393 12.99 43.48 21.97
CA ASP B 393 12.71 44.61 22.84
C ASP B 393 11.44 44.29 23.60
N ASN B 394 11.57 44.06 24.90
CA ASN B 394 10.48 43.52 25.72
C ASN B 394 9.29 44.44 26.00
N ALA B 395 9.25 45.62 25.39
CA ALA B 395 8.18 46.57 25.68
C ALA B 395 6.84 46.05 25.17
N THR B 396 6.85 45.38 24.01
CA THR B 396 5.61 44.85 23.44
C THR B 396 5.58 43.33 23.32
N VAL B 397 4.46 42.73 23.73
CA VAL B 397 4.25 41.29 23.64
C VAL B 397 2.89 40.99 22.99
N PHE B 398 2.87 40.04 22.06
CA PHE B 398 1.68 39.74 21.28
C PHE B 398 1.01 38.45 21.75
N VAL B 399 -0.27 38.55 22.11
CA VAL B 399 -1.11 37.38 22.39
C VAL B 399 -1.77 36.92 21.10
N VAL B 400 -1.40 35.72 20.67
CA VAL B 400 -1.85 35.20 19.38
C VAL B 400 -2.10 33.68 19.41
N SER B 401 -2.97 33.20 18.53
CA SER B 401 -3.24 31.76 18.43
C SER B 401 -2.49 31.21 17.22
N TYR B 402 -2.34 29.89 17.13
CA TYR B 402 -1.71 29.26 15.96
C TYR B 402 -2.48 29.56 14.68
N ARG B 403 -3.80 29.63 14.79
CA ARG B 403 -4.65 29.90 13.66
C ARG B 403 -4.35 31.23 13.00
N SER B 404 -4.21 32.25 13.82
CA SER B 404 -3.92 33.58 13.34
C SER B 404 -2.56 33.60 12.69
N ILE B 405 -1.58 32.98 13.36
CA ILE B 405 -0.23 32.89 12.83
C ILE B 405 -0.20 32.18 11.49
N ARG B 406 -0.98 31.11 11.39
CA ARG B 406 -1.13 30.34 10.15
C ARG B 406 -1.67 31.23 9.04
N GLN B 407 -2.66 32.04 9.37
CA GLN B 407 -3.30 32.92 8.41
C GLN B 407 -2.35 34.05 8.00
N MET B 408 -1.49 34.43 8.94
CA MET B 408 -0.46 35.43 8.71
C MET B 408 0.63 34.93 7.78
N LEU B 409 0.99 33.66 7.93
CA LEU B 409 2.05 33.04 7.14
C LEU B 409 1.66 32.95 5.67
N ASP B 410 0.47 32.41 5.40
CA ASP B 410 -0.03 32.28 4.04
C ASP B 410 -0.17 33.66 3.41
N ARG B 411 -0.52 34.65 4.22
CA ARG B 411 -0.67 36.02 3.74
C ARG B 411 0.63 36.60 3.20
N ALA B 412 1.68 36.48 4.01
CA ALA B 412 2.99 37.01 3.66
C ALA B 412 3.55 36.25 2.49
N TYR B 413 3.32 34.94 2.50
CA TYR B 413 3.78 34.08 1.43
C TYR B 413 3.06 34.38 0.12
N GLY B 414 1.80 34.81 0.20
CA GLY B 414 1.06 35.11 -1.00
C GLY B 414 1.48 36.42 -1.64
N GLU B 415 1.92 37.37 -0.81
CA GLU B 415 2.34 38.67 -1.29
C GLU B 415 3.72 38.65 -1.96
N LEU B 416 4.46 37.57 -1.74
CA LEU B 416 5.75 37.43 -2.41
C LEU B 416 5.56 36.85 -3.81
N GLY B 417 4.42 36.19 -3.99
CA GLY B 417 4.00 35.62 -5.25
C GLY B 417 3.40 36.59 -6.24
N LYS B 418 3.01 37.76 -5.74
CA LYS B 418 2.45 38.79 -6.60
C LYS B 418 3.53 39.36 -7.51
N GLU B 419 4.73 39.54 -6.96
CA GLU B 419 5.83 39.97 -7.79
C GLU B 419 6.64 38.78 -8.26
PG AGS C . -32.06 4.71 0.48
S1G AGS C . -33.04 5.42 -1.05
O2G AGS C . -31.66 3.24 0.16
O3G AGS C . -33.03 4.73 1.70
PB AGS C . -29.67 5.94 -0.24
O1B AGS C . -30.15 6.08 -1.63
O2B AGS C . -29.13 7.27 0.28
O3B AGS C . -30.80 5.54 0.83
PA AGS C . -27.88 4.31 1.16
O1A AGS C . -28.90 4.12 2.22
O2A AGS C . -27.13 3.01 0.84
O3A AGS C . -28.51 4.83 -0.22
O5' AGS C . -26.90 5.46 1.63
C5' AGS C . -26.32 6.43 0.73
C4' AGS C . -24.86 6.61 1.05
O4' AGS C . -24.51 5.82 2.20
C3' AGS C . -23.90 6.16 -0.05
O3' AGS C . -23.47 7.26 -0.85
C2' AGS C . -22.71 5.53 0.71
O2' AGS C . -21.52 6.28 0.54
C1' AGS C . -23.12 5.64 2.19
N9 AGS C . -22.80 4.47 2.98
C8 AGS C . -23.54 3.33 3.15
N7 AGS C . -23.00 2.43 3.93
C5 AGS C . -21.81 3.03 4.32
C6 AGS C . -20.76 2.60 5.16
N6 AGS C . -20.76 1.42 5.79
N1 AGS C . -19.71 3.43 5.34
C2 AGS C . -19.72 4.61 4.71
N3 AGS C . -20.64 5.13 3.90
C4 AGS C . -21.67 4.28 3.75
PG AGS D . 26.03 -16.56 -3.35
S1G AGS D . 24.73 -16.89 -4.78
O2G AGS D . 27.39 -16.17 -3.97
O3G AGS D . 26.20 -17.87 -2.51
PB AGS D . 24.31 -15.61 -1.46
O1B AGS D . 24.04 -17.05 -1.26
O2B AGS D . 24.61 -14.86 -0.15
O3B AGS D . 25.55 -15.40 -2.42
PA AGS D . 23.21 -13.59 -2.93
O1A AGS D . 24.09 -12.65 -2.21
O2A AGS D . 23.73 -14.00 -4.32
O3A AGS D . 23.04 -14.93 -2.11
O5' AGS D . 21.75 -12.99 -2.97
C5' AGS D . 21.48 -11.69 -3.55
C4' AGS D . 21.34 -10.67 -2.46
O4' AGS D . 21.09 -9.38 -3.05
C3' AGS D . 20.24 -10.94 -1.44
O3' AGS D . 20.78 -11.06 -0.13
C2' AGS D . 19.29 -9.73 -1.53
O2' AGS D . 19.21 -9.05 -0.28
C1' AGS D . 19.90 -8.81 -2.59
N9 AGS D . 19.05 -8.55 -3.74
C8 AGS D . 18.85 -9.36 -4.84
N7 AGS D . 18.04 -8.86 -5.74
C5 AGS D . 17.68 -7.63 -5.20
C6 AGS D . 16.83 -6.61 -5.66
N6 AGS D . 16.17 -6.65 -6.82
N1 AGS D . 16.68 -5.51 -4.88
C2 AGS D . 17.34 -5.46 -3.72
N3 AGS D . 18.16 -6.36 -3.18
C4 AGS D . 18.29 -7.42 -3.97
#